data_1CI9
#
_entry.id   1CI9
#
_cell.length_a   83.444
_cell.length_b   83.444
_cell.length_c   194.576
_cell.angle_alpha   90.00
_cell.angle_beta   90.00
_cell.angle_gamma   120.00
#
_symmetry.space_group_name_H-M   'P 32 2 1'
#
loop_
_entity.id
_entity.type
_entity.pdbx_description
1 polymer 'PROTEIN (CARBOXYLESTERASE)'
2 non-polymer 'DIISOPROPYL PHOSPHONATE'
3 water water
#
_entity_poly.entity_id   1
_entity_poly.type   'polypeptide(L)'
_entity_poly.pdbx_seq_one_letter_code
;MTAASLDPTAFSLDAASLAARLDAVFDQALRERRLVGAVAIVARHGEILYRRAQGLADREAGRPMREDTLFRLASVTKPI
VALAVLRLVARGELALDAPVTRWLPEFRPRLADGSEPLVTIHHLLTHTSGLGYWLLEGAGSVYDRLGISDGIDLRDFDLD
ENLRRLASAPLSFAPGSGWQYSLALDVLGAVVERATGQPLAAAVDALVAQPLGMRDCGFVSAEPERFAVPYHDGQPEPVR
MRDGIEVPLPEGHGAAVRFAPSRVFEPGAYPSGGAGMYGSADDVLRALEAIRANPGFLPETLADAARRDQAGVGAETRGP
GWGFGYLSAVLDDPAAAGTPQHAGTLQWGGVYGHSWFVDRALGLSVLLLTNTAYEGMSGPLTIALRDAVYAR
;
_entity_poly.pdbx_strand_id   A,B
#
loop_
_chem_comp.id
_chem_comp.type
_chem_comp.name
_chem_comp.formula
DFP non-polymer 'DIISOPROPYL PHOSPHONATE' 'C6 H15 O3 P'
#
# COMPACT_ATOMS: atom_id res chain seq x y z
N ALA A 15 14.69 -15.07 10.59
CA ALA A 15 13.58 -14.18 10.25
C ALA A 15 13.18 -13.36 11.47
N ALA A 16 12.72 -14.05 12.52
CA ALA A 16 12.54 -13.32 13.77
C ALA A 16 13.91 -12.83 14.23
N SER A 17 14.92 -13.68 13.99
CA SER A 17 16.28 -13.29 14.35
C SER A 17 16.76 -12.13 13.48
N LEU A 18 16.55 -12.31 12.18
CA LEU A 18 17.02 -11.27 11.25
C LEU A 18 16.24 -9.98 11.51
N ALA A 19 14.94 -10.10 11.77
CA ALA A 19 14.13 -8.92 12.07
C ALA A 19 14.66 -8.17 13.28
N ALA A 20 15.06 -8.85 14.37
CA ALA A 20 15.61 -8.12 15.51
C ALA A 20 16.93 -7.43 15.24
N ARG A 21 17.81 -8.06 14.46
CA ARG A 21 19.10 -7.45 14.18
C ARG A 21 18.91 -6.20 13.31
N LEU A 22 17.99 -6.29 12.35
CA LEU A 22 17.76 -5.19 11.40
C LEU A 22 17.09 -4.02 12.13
N ASP A 23 16.09 -4.31 12.95
CA ASP A 23 15.41 -3.30 13.74
C ASP A 23 16.36 -2.56 14.68
N ALA A 24 17.34 -3.27 15.26
CA ALA A 24 18.28 -2.59 16.16
C ALA A 24 19.15 -1.63 15.38
N VAL A 25 19.55 -2.00 14.15
CA VAL A 25 20.33 -1.07 13.35
C VAL A 25 19.49 0.19 13.05
N PHE A 26 18.23 -0.04 12.64
CA PHE A 26 17.40 1.11 12.33
C PHE A 26 17.14 1.94 13.58
N ASP A 27 16.87 1.28 14.70
CA ASP A 27 16.60 2.03 15.93
C ASP A 27 17.73 2.99 16.26
N GLN A 28 18.97 2.54 16.08
CA GLN A 28 20.10 3.39 16.45
C GLN A 28 20.26 4.52 15.44
N ALA A 29 20.12 4.24 14.16
CA ALA A 29 20.17 5.24 13.10
C ALA A 29 19.16 6.37 13.30
N LEU A 30 17.94 5.99 13.68
CA LEU A 30 16.89 6.94 13.99
C LEU A 30 17.19 7.79 15.23
N ARG A 31 17.63 7.14 16.29
CA ARG A 31 18.03 7.75 17.56
C ARG A 31 19.10 8.81 17.35
N GLU A 32 20.11 8.48 16.54
CA GLU A 32 21.21 9.37 16.25
C GLU A 32 20.86 10.40 15.18
N ARG A 33 19.64 10.36 14.65
CA ARG A 33 19.19 11.30 13.63
C ARG A 33 20.03 11.28 12.38
N ARG A 34 20.47 10.09 11.97
CA ARG A 34 21.16 9.93 10.70
C ARG A 34 20.17 9.48 9.63
N LEU A 35 18.93 9.24 10.02
CA LEU A 35 17.89 8.72 9.12
C LEU A 35 16.52 9.29 9.46
N VAL A 36 15.76 9.83 8.49
CA VAL A 36 14.41 10.29 8.85
C VAL A 36 13.43 9.13 8.74
N GLY A 37 13.42 8.47 7.58
CA GLY A 37 12.52 7.33 7.40
C GLY A 37 12.98 6.41 6.29
N ALA A 38 12.54 5.14 6.31
CA ALA A 38 12.97 4.17 5.31
C ALA A 38 11.98 3.02 5.18
N VAL A 39 12.11 2.31 4.08
CA VAL A 39 11.46 1.03 3.84
C VAL A 39 12.52 0.04 3.34
N ALA A 40 12.56 -1.12 4.01
CA ALA A 40 13.51 -2.16 3.68
C ALA A 40 12.81 -3.52 3.57
N ILE A 41 13.36 -4.30 2.64
CA ILE A 41 12.82 -5.63 2.34
C ILE A 41 13.98 -6.59 2.11
N VAL A 42 13.90 -7.75 2.72
CA VAL A 42 14.82 -8.87 2.48
C VAL A 42 14.01 -10.07 2.02
N ALA A 43 14.30 -10.65 0.87
CA ALA A 43 13.63 -11.86 0.41
C ALA A 43 14.67 -12.95 0.19
N ARG A 44 14.31 -14.19 0.44
CA ARG A 44 15.24 -15.29 0.21
C ARG A 44 14.51 -16.36 -0.63
N HIS A 45 15.06 -16.59 -1.80
CA HIS A 45 14.52 -17.56 -2.75
C HIS A 45 13.02 -17.34 -2.87
N GLY A 46 12.64 -16.06 -2.98
CA GLY A 46 11.25 -15.76 -3.30
C GLY A 46 10.38 -15.60 -2.07
N GLU A 47 10.96 -15.83 -0.89
CA GLU A 47 10.20 -15.70 0.35
C GLU A 47 10.53 -14.39 1.06
N ILE A 48 9.50 -13.61 1.39
CA ILE A 48 9.75 -12.36 2.11
C ILE A 48 10.11 -12.69 3.55
N LEU A 49 11.32 -12.35 3.94
CA LEU A 49 11.78 -12.52 5.31
C LEU A 49 11.53 -11.28 6.18
N TYR A 50 11.60 -10.10 5.59
CA TYR A 50 11.53 -8.82 6.34
C TYR A 50 10.97 -7.75 5.40
N ARG A 51 9.95 -7.03 5.83
CA ARG A 51 9.32 -5.99 5.01
C ARG A 51 8.84 -4.94 6.00
N ARG A 52 9.66 -3.89 6.12
CA ARG A 52 9.32 -2.99 7.21
C ARG A 52 9.53 -1.52 6.92
N ALA A 53 8.55 -0.74 7.39
CA ALA A 53 8.70 0.71 7.36
C ALA A 53 9.27 1.23 8.68
N GLN A 54 10.09 2.28 8.60
CA GLN A 54 10.75 2.82 9.79
C GLN A 54 10.69 4.35 9.79
N GLY A 55 10.44 4.97 10.93
CA GLY A 55 10.54 6.41 10.99
C GLY A 55 9.46 7.16 10.24
N LEU A 56 9.81 8.34 9.70
CA LEU A 56 8.82 9.25 9.14
C LEU A 56 8.97 9.51 7.64
N ALA A 57 7.85 9.63 6.94
CA ALA A 57 7.85 9.97 5.52
C ALA A 57 7.99 11.48 5.35
N ASP A 58 7.29 12.21 6.19
CA ASP A 58 7.32 13.67 6.24
C ASP A 58 7.43 14.06 7.72
N ARG A 59 8.62 14.49 8.13
CA ARG A 59 8.86 14.78 9.53
C ARG A 59 8.03 15.98 9.99
N GLU A 60 8.04 17.05 9.20
CA GLU A 60 7.32 18.25 9.66
C GLU A 60 5.84 18.01 9.86
N ALA A 61 5.20 17.17 9.06
CA ALA A 61 3.78 16.87 9.19
C ALA A 61 3.53 15.73 10.16
N GLY A 62 4.59 15.07 10.63
CA GLY A 62 4.40 13.92 11.50
C GLY A 62 3.75 12.75 10.78
N ARG A 63 4.03 12.58 9.49
CA ARG A 63 3.41 11.49 8.74
C ARG A 63 4.32 10.27 8.71
N PRO A 64 3.89 9.17 9.31
CA PRO A 64 4.80 8.03 9.38
C PRO A 64 5.06 7.39 8.02
N MET A 65 6.23 6.76 7.90
CA MET A 65 6.53 5.94 6.75
C MET A 65 5.55 4.76 6.71
N ARG A 66 5.15 4.36 5.50
CA ARG A 66 4.31 3.18 5.32
C ARG A 66 4.97 2.20 4.37
N GLU A 67 4.65 0.91 4.42
CA GLU A 67 5.29 -0.05 3.52
C GLU A 67 5.07 0.29 2.06
N ASP A 68 3.98 0.98 1.73
CA ASP A 68 3.63 1.32 0.36
C ASP A 68 3.99 2.76 -0.03
N THR A 69 4.80 3.44 0.79
CA THR A 69 5.14 4.82 0.50
C THR A 69 5.90 4.95 -0.82
N LEU A 70 5.61 6.01 -1.57
CA LEU A 70 6.32 6.14 -2.84
C LEU A 70 7.62 6.92 -2.69
N PHE A 71 8.62 6.51 -3.48
CA PHE A 71 9.90 7.18 -3.44
C PHE A 71 10.38 7.62 -4.82
N ARG A 72 11.06 8.76 -4.89
CA ARG A 72 11.75 9.11 -6.14
C ARG A 72 12.90 8.14 -6.28
N LEU A 73 13.08 7.40 -7.36
CA LEU A 73 14.04 6.28 -7.34
C LEU A 73 15.47 6.67 -7.70
N ALA A 74 15.67 7.82 -8.31
CA ALA A 74 17.02 8.21 -8.79
C ALA A 74 17.63 7.06 -9.60
N SER A 75 18.88 6.63 -9.35
CA SER A 75 19.46 5.63 -10.26
C SER A 75 18.92 4.24 -9.97
N VAL A 76 17.95 4.09 -9.07
CA VAL A 76 17.27 2.79 -9.01
C VAL A 76 16.35 2.64 -10.21
N THR A 77 16.13 3.74 -10.96
CA THR A 77 15.50 3.68 -12.26
C THR A 77 16.27 2.77 -13.22
N LYS A 78 17.59 2.77 -13.11
CA LYS A 78 18.38 2.16 -14.20
C LYS A 78 18.10 0.69 -14.44
N PRO A 79 18.06 -0.16 -13.42
CA PRO A 79 17.80 -1.57 -13.74
C PRO A 79 16.42 -1.73 -14.37
N ILE A 80 15.46 -0.84 -14.07
CA ILE A 80 14.12 -1.04 -14.65
C ILE A 80 14.11 -0.65 -16.12
N VAL A 81 14.73 0.47 -16.45
CA VAL A 81 14.84 0.89 -17.86
C VAL A 81 15.77 -0.02 -18.64
N ALA A 82 16.77 -0.58 -17.97
CA ALA A 82 17.64 -1.54 -18.66
C ALA A 82 16.85 -2.80 -18.99
N LEU A 83 15.94 -3.23 -18.10
CA LEU A 83 15.10 -4.38 -18.44
C LEU A 83 14.23 -4.06 -19.66
N ALA A 84 13.73 -2.83 -19.78
CA ALA A 84 12.95 -2.43 -20.95
C ALA A 84 13.76 -2.62 -22.23
N VAL A 85 15.00 -2.14 -22.17
CA VAL A 85 15.94 -2.27 -23.31
C VAL A 85 16.14 -3.74 -23.65
N LEU A 86 16.38 -4.55 -22.63
CA LEU A 86 16.61 -5.99 -22.85
C LEU A 86 15.38 -6.71 -23.36
N ARG A 87 14.17 -6.30 -22.96
CA ARG A 87 12.97 -6.92 -23.53
C ARG A 87 12.87 -6.61 -25.03
N LEU A 88 13.27 -5.42 -25.45
CA LEU A 88 13.27 -5.05 -26.87
C LEU A 88 14.30 -5.87 -27.63
N VAL A 89 15.47 -6.01 -27.01
CA VAL A 89 16.50 -6.88 -27.60
C VAL A 89 15.97 -8.29 -27.79
N ALA A 90 15.32 -8.85 -26.76
CA ALA A 90 14.79 -10.22 -26.90
C ALA A 90 13.75 -10.28 -28.01
N ARG A 91 13.02 -9.20 -28.24
CA ARG A 91 11.97 -9.12 -29.23
C ARG A 91 12.54 -8.95 -30.63
N GLY A 92 13.81 -8.57 -30.71
CA GLY A 92 14.42 -8.32 -32.00
C GLY A 92 14.26 -6.89 -32.46
N GLU A 93 13.81 -6.02 -31.55
CA GLU A 93 13.59 -4.63 -31.97
C GLU A 93 14.85 -3.79 -31.76
N LEU A 94 15.71 -4.27 -30.86
CA LEU A 94 17.04 -3.71 -30.66
C LEU A 94 18.01 -4.90 -30.79
N ALA A 95 19.29 -4.59 -30.88
CA ALA A 95 20.36 -5.60 -30.90
C ALA A 95 21.55 -5.00 -30.14
N LEU A 96 22.23 -5.83 -29.36
CA LEU A 96 23.29 -5.39 -28.46
C LEU A 96 24.42 -4.71 -29.23
N ASP A 97 24.64 -5.27 -30.42
CA ASP A 97 25.69 -4.88 -31.34
C ASP A 97 25.31 -3.72 -32.23
N ALA A 98 24.08 -3.22 -32.11
CA ALA A 98 23.73 -2.20 -33.12
C ALA A 98 24.20 -0.83 -32.66
N PRO A 99 24.45 0.05 -33.63
CA PRO A 99 24.86 1.43 -33.36
C PRO A 99 23.70 2.24 -32.80
N VAL A 100 24.00 3.10 -31.84
CA VAL A 100 22.95 3.96 -31.29
C VAL A 100 22.33 4.80 -32.40
N THR A 101 23.13 5.20 -33.40
CA THR A 101 22.64 6.02 -34.50
C THR A 101 21.54 5.36 -35.32
N ARG A 102 21.39 4.04 -35.22
CA ARG A 102 20.25 3.50 -35.97
C ARG A 102 18.94 4.04 -35.41
N TRP A 103 18.87 4.51 -34.16
CA TRP A 103 17.66 5.10 -33.61
C TRP A 103 17.81 6.59 -33.35
N LEU A 104 19.03 7.03 -33.08
CA LEU A 104 19.35 8.44 -32.82
C LEU A 104 20.42 8.92 -33.80
N PRO A 105 20.03 9.10 -35.06
CA PRO A 105 20.98 9.43 -36.12
C PRO A 105 21.87 10.62 -35.76
N GLU A 106 21.29 11.60 -35.08
CA GLU A 106 22.07 12.79 -34.78
C GLU A 106 22.91 12.64 -33.53
N PHE A 107 22.85 11.47 -32.87
CA PHE A 107 23.71 11.31 -31.71
C PHE A 107 25.10 10.81 -32.07
N ARG A 108 26.04 11.73 -32.31
CA ARG A 108 27.36 11.30 -32.78
C ARG A 108 28.51 11.93 -32.02
N PRO A 109 28.62 11.53 -30.76
CA PRO A 109 29.74 11.97 -29.94
C PRO A 109 31.09 11.71 -30.63
N ARG A 110 32.02 12.63 -30.42
CA ARG A 110 33.33 12.41 -31.06
C ARG A 110 34.40 12.23 -30.02
N LEU A 111 35.48 11.53 -30.41
CA LEU A 111 36.61 11.44 -29.48
C LEU A 111 37.44 12.71 -29.50
N ALA A 112 38.48 12.80 -28.69
CA ALA A 112 39.25 14.05 -28.65
C ALA A 112 40.05 14.33 -29.91
N ASP A 113 39.91 13.58 -31.00
CA ASP A 113 40.66 13.84 -32.22
C ASP A 113 39.77 14.35 -33.35
N GLY A 114 38.48 14.05 -33.23
CA GLY A 114 37.48 14.42 -34.21
C GLY A 114 36.72 13.23 -34.75
N SER A 115 37.26 12.02 -34.61
CA SER A 115 36.57 10.85 -35.15
C SER A 115 35.26 10.58 -34.41
N GLU A 116 34.29 10.07 -35.17
CA GLU A 116 33.01 9.62 -34.67
C GLU A 116 33.05 8.11 -34.48
N PRO A 117 33.33 7.60 -33.29
CA PRO A 117 33.43 6.15 -33.10
C PRO A 117 32.07 5.44 -33.07
N LEU A 118 32.10 4.12 -33.25
CA LEU A 118 30.92 3.28 -33.10
C LEU A 118 30.44 3.29 -31.65
N VAL A 119 29.19 3.61 -31.37
CA VAL A 119 28.59 3.45 -30.05
C VAL A 119 27.39 2.49 -30.12
N THR A 120 27.51 1.29 -29.56
CA THR A 120 26.47 0.29 -29.61
C THR A 120 25.62 0.25 -28.34
N ILE A 121 24.50 -0.45 -28.43
CA ILE A 121 23.62 -0.65 -27.26
C ILE A 121 24.38 -1.26 -26.09
N HIS A 122 25.29 -2.19 -26.36
CA HIS A 122 26.15 -2.85 -25.38
C HIS A 122 27.02 -1.87 -24.63
N HIS A 123 27.66 -0.95 -25.37
CA HIS A 123 28.50 0.07 -24.77
C HIS A 123 27.70 0.95 -23.81
N LEU A 124 26.44 1.23 -24.18
CA LEU A 124 25.67 2.09 -23.28
C LEU A 124 25.28 1.35 -22.01
N LEU A 125 24.74 0.13 -22.16
CA LEU A 125 24.23 -0.66 -21.04
C LEU A 125 25.33 -0.89 -20.02
N THR A 126 26.57 -1.05 -20.51
CA THR A 126 27.69 -1.29 -19.61
C THR A 126 28.36 -0.04 -19.08
N HIS A 127 28.00 1.14 -19.56
CA HIS A 127 28.72 2.38 -19.24
C HIS A 127 30.19 2.31 -19.68
N THR A 128 30.45 1.77 -20.86
CA THR A 128 31.82 1.74 -21.40
C THR A 128 31.91 2.55 -22.69
N SER A 129 30.90 3.38 -22.96
CA SER A 129 30.85 4.17 -24.19
C SER A 129 31.79 5.37 -24.19
N GLY A 130 32.22 5.88 -23.05
CA GLY A 130 33.01 7.12 -23.03
C GLY A 130 32.24 8.30 -22.48
N LEU A 131 30.92 8.14 -22.38
CA LEU A 131 30.05 9.17 -21.84
C LEU A 131 30.25 9.35 -20.35
N GLY A 132 29.75 10.46 -19.79
CA GLY A 132 29.88 10.67 -18.36
C GLY A 132 28.63 11.33 -17.77
N TYR A 133 28.85 12.05 -16.68
CA TYR A 133 27.85 12.76 -15.92
C TYR A 133 28.37 14.10 -15.43
N TRP A 134 27.52 15.11 -15.30
CA TRP A 134 27.90 16.38 -14.66
C TRP A 134 28.55 16.10 -13.31
N LEU A 135 27.93 15.13 -12.62
CA LEU A 135 28.33 14.86 -11.26
C LEU A 135 29.79 14.43 -11.16
N LEU A 136 30.36 13.96 -12.26
CA LEU A 136 31.73 13.47 -12.10
C LEU A 136 32.66 14.64 -11.76
N GLU A 137 32.43 15.79 -12.38
CA GLU A 137 33.34 16.93 -12.15
C GLU A 137 32.61 18.12 -11.53
N GLY A 138 31.35 18.33 -11.92
CA GLY A 138 30.59 19.44 -11.37
C GLY A 138 30.93 20.80 -11.96
N ALA A 139 30.92 21.82 -11.11
CA ALA A 139 30.99 23.21 -11.55
C ALA A 139 32.26 23.49 -12.33
N GLY A 140 32.13 24.18 -13.47
CA GLY A 140 33.32 24.50 -14.24
C GLY A 140 33.75 23.44 -15.22
N SER A 141 33.16 22.24 -15.19
CA SER A 141 33.64 21.19 -16.09
C SER A 141 33.16 21.35 -17.51
N VAL A 142 33.50 20.35 -18.35
CA VAL A 142 32.99 20.39 -19.72
C VAL A 142 31.46 20.28 -19.73
N TYR A 143 30.94 19.32 -18.98
CA TYR A 143 29.49 19.10 -18.92
C TYR A 143 28.78 20.31 -18.32
N ASP A 144 29.41 20.94 -17.33
CA ASP A 144 28.86 22.19 -16.79
C ASP A 144 28.80 23.26 -17.88
N ARG A 145 29.87 23.42 -18.64
CA ARG A 145 29.93 24.43 -19.69
C ARG A 145 28.90 24.15 -20.77
N LEU A 146 28.59 22.86 -20.96
CA LEU A 146 27.61 22.58 -22.01
C LEU A 146 26.18 22.55 -21.46
N GLY A 147 25.97 22.72 -20.16
CA GLY A 147 24.61 22.78 -19.62
C GLY A 147 23.87 21.45 -19.62
N ILE A 148 24.66 20.39 -19.55
CA ILE A 148 24.19 19.01 -19.55
C ILE A 148 23.65 18.63 -18.16
N SER A 149 22.44 18.07 -18.16
CA SER A 149 21.73 17.73 -16.94
C SER A 149 21.78 16.23 -16.64
N ASP A 150 21.96 15.93 -15.36
CA ASP A 150 22.02 14.56 -14.88
C ASP A 150 20.63 13.96 -14.65
N GLY A 151 19.56 14.72 -14.86
CA GLY A 151 18.22 14.14 -14.76
C GLY A 151 17.57 14.23 -13.39
N ILE A 152 18.20 14.83 -12.41
CA ILE A 152 17.68 14.92 -11.05
C ILE A 152 17.17 16.32 -10.79
N ASP A 153 17.76 17.28 -11.50
CA ASP A 153 17.25 18.65 -11.38
C ASP A 153 16.15 18.91 -12.40
N LEU A 154 15.54 20.09 -12.25
CA LEU A 154 14.44 20.47 -13.14
C LEU A 154 14.90 21.56 -14.10
N ARG A 155 14.86 21.29 -15.40
CA ARG A 155 15.38 22.21 -16.41
C ARG A 155 14.31 22.54 -17.44
N ASP A 156 14.34 23.72 -18.06
CA ASP A 156 13.28 24.05 -19.02
C ASP A 156 13.70 23.64 -20.42
N PHE A 157 13.85 22.35 -20.68
CA PHE A 157 14.08 21.80 -22.02
C PHE A 157 13.80 20.30 -22.05
N ASP A 158 13.70 19.68 -23.22
CA ASP A 158 13.33 18.27 -23.23
C ASP A 158 14.53 17.33 -23.44
N LEU A 159 14.23 16.03 -23.56
CA LEU A 159 15.27 15.01 -23.57
C LEU A 159 16.15 15.15 -24.81
N ASP A 160 15.51 15.37 -25.96
CA ASP A 160 16.25 15.58 -27.21
C ASP A 160 17.23 16.73 -27.06
N GLU A 161 16.84 17.79 -26.34
CA GLU A 161 17.77 18.92 -26.15
C GLU A 161 18.91 18.54 -25.23
N ASN A 162 18.59 17.83 -24.13
CA ASN A 162 19.71 17.37 -23.30
C ASN A 162 20.61 16.42 -24.09
N LEU A 163 20.08 15.58 -24.96
CA LEU A 163 20.98 14.65 -25.66
C LEU A 163 21.76 15.33 -26.77
N ARG A 164 21.20 16.37 -27.37
CA ARG A 164 21.99 17.22 -28.26
C ARG A 164 23.15 17.85 -27.53
N ARG A 165 22.94 18.40 -26.33
CA ARG A 165 24.07 18.95 -25.60
C ARG A 165 25.12 17.89 -25.28
N LEU A 166 24.61 16.72 -24.84
CA LEU A 166 25.52 15.64 -24.47
C LEU A 166 26.36 15.19 -25.66
N ALA A 167 25.72 15.04 -26.82
CA ALA A 167 26.49 14.53 -27.96
C ALA A 167 27.55 15.51 -28.40
N SER A 168 27.44 16.77 -27.97
CA SER A 168 28.44 17.75 -28.37
C SER A 168 29.64 17.69 -27.46
N ALA A 169 29.59 16.99 -26.33
CA ALA A 169 30.81 16.93 -25.54
C ALA A 169 31.73 15.86 -26.10
N PRO A 170 33.04 16.00 -25.91
CA PRO A 170 33.93 14.91 -26.36
C PRO A 170 33.79 13.70 -25.44
N LEU A 171 33.82 12.51 -26.03
CA LEU A 171 33.91 11.28 -25.25
C LEU A 171 35.20 11.25 -24.45
N SER A 172 35.19 10.63 -23.28
CA SER A 172 36.31 10.57 -22.36
C SER A 172 37.36 9.55 -22.76
N PHE A 173 36.98 8.61 -23.60
CA PHE A 173 37.82 7.49 -24.01
C PHE A 173 37.09 6.72 -25.11
N ALA A 174 37.82 5.84 -25.79
CA ALA A 174 37.23 5.07 -26.87
C ALA A 174 36.24 4.03 -26.35
N PRO A 175 35.04 3.99 -26.93
CA PRO A 175 34.02 3.00 -26.58
C PRO A 175 34.58 1.60 -26.39
N GLY A 176 34.34 1.02 -25.23
CA GLY A 176 34.83 -0.34 -25.03
C GLY A 176 36.19 -0.36 -24.34
N SER A 177 36.88 0.78 -24.28
CA SER A 177 38.23 0.78 -23.72
C SER A 177 38.27 1.09 -22.24
N GLY A 178 37.14 1.43 -21.61
CA GLY A 178 37.21 1.72 -20.18
C GLY A 178 35.80 1.75 -19.57
N TRP A 179 35.72 2.09 -18.29
CA TRP A 179 34.44 2.18 -17.61
C TRP A 179 34.27 3.54 -16.97
N GLN A 180 33.08 4.13 -17.09
CA GLN A 180 32.81 5.43 -16.50
C GLN A 180 31.30 5.64 -16.38
N TYR A 181 30.85 5.83 -15.15
CA TYR A 181 29.41 5.98 -14.88
C TYR A 181 28.88 7.15 -15.68
N SER A 182 27.69 7.03 -16.30
CA SER A 182 27.31 7.96 -17.34
C SER A 182 25.81 8.09 -17.58
N LEU A 183 25.47 9.10 -18.36
CA LEU A 183 24.15 9.34 -18.89
C LEU A 183 23.71 8.30 -19.92
N ALA A 184 24.43 7.20 -20.09
CA ALA A 184 24.03 6.23 -21.12
C ALA A 184 22.62 5.70 -20.97
N LEU A 185 22.09 5.63 -19.74
CA LEU A 185 20.70 5.10 -19.71
C LEU A 185 19.68 6.15 -20.13
N ASP A 186 20.07 7.42 -20.04
CA ASP A 186 19.21 8.49 -20.55
C ASP A 186 19.21 8.47 -22.08
N VAL A 187 20.36 8.20 -22.68
CA VAL A 187 20.42 7.95 -24.12
C VAL A 187 19.52 6.78 -24.52
N LEU A 188 19.62 5.68 -23.75
CA LEU A 188 18.83 4.50 -24.06
C LEU A 188 17.33 4.75 -23.90
N GLY A 189 16.92 5.64 -23.00
CA GLY A 189 15.51 6.00 -22.87
C GLY A 189 14.95 6.57 -24.16
N ALA A 190 15.75 7.40 -24.82
CA ALA A 190 15.38 7.96 -26.10
C ALA A 190 15.31 6.90 -27.18
N VAL A 191 16.25 5.95 -27.16
CA VAL A 191 16.24 4.81 -28.06
C VAL A 191 14.96 4.01 -27.92
N VAL A 192 14.58 3.75 -26.66
CA VAL A 192 13.35 3.00 -26.43
C VAL A 192 12.13 3.72 -27.02
N GLU A 193 12.08 5.02 -26.82
CA GLU A 193 11.01 5.83 -27.45
C GLU A 193 11.02 5.66 -28.97
N ARG A 194 12.15 5.79 -29.63
CA ARG A 194 12.19 5.59 -31.09
C ARG A 194 11.77 4.20 -31.54
N ALA A 195 12.30 3.20 -30.86
CA ALA A 195 12.00 1.82 -31.19
C ALA A 195 10.53 1.46 -30.93
N THR A 196 9.87 2.03 -29.93
CA THR A 196 8.50 1.61 -29.68
C THR A 196 7.45 2.55 -30.24
N GLY A 197 7.85 3.77 -30.61
CA GLY A 197 6.89 4.79 -31.01
C GLY A 197 6.01 5.25 -29.85
N GLN A 198 6.49 5.07 -28.62
CA GLN A 198 5.78 5.54 -27.43
C GLN A 198 6.65 6.41 -26.55
N PRO A 199 6.06 7.29 -25.73
CA PRO A 199 6.86 7.99 -24.71
C PRO A 199 7.44 6.96 -23.74
N LEU A 200 8.57 7.31 -23.13
CA LEU A 200 9.31 6.35 -22.29
C LEU A 200 8.44 5.78 -21.18
N ALA A 201 7.64 6.64 -20.53
CA ALA A 201 6.81 6.10 -19.45
C ALA A 201 5.89 5.00 -19.93
N ALA A 202 5.24 5.18 -21.07
CA ALA A 202 4.32 4.17 -21.59
C ALA A 202 5.05 2.92 -22.05
N ALA A 203 6.24 3.13 -22.62
CA ALA A 203 7.05 2.00 -23.07
C ALA A 203 7.52 1.15 -21.89
N VAL A 204 8.02 1.77 -20.82
CA VAL A 204 8.44 1.02 -19.63
C VAL A 204 7.25 0.30 -19.03
N ASP A 205 6.08 0.98 -19.05
CA ASP A 205 4.90 0.34 -18.49
C ASP A 205 4.54 -0.94 -19.21
N ALA A 206 4.62 -0.89 -20.53
CA ALA A 206 4.28 -2.03 -21.36
C ALA A 206 5.31 -3.15 -21.35
N LEU A 207 6.59 -2.79 -21.33
CA LEU A 207 7.68 -3.76 -21.45
C LEU A 207 8.00 -4.44 -20.13
N VAL A 208 7.83 -3.70 -19.03
CA VAL A 208 8.29 -4.17 -17.73
C VAL A 208 7.23 -4.12 -16.65
N ALA A 209 6.67 -2.95 -16.39
CA ALA A 209 5.79 -2.85 -15.20
C ALA A 209 4.53 -3.69 -15.32
N GLN A 210 3.88 -3.70 -16.49
CA GLN A 210 2.67 -4.52 -16.65
C GLN A 210 2.97 -6.02 -16.54
N PRO A 211 3.92 -6.56 -17.29
CA PRO A 211 4.23 -7.99 -17.14
C PRO A 211 4.68 -8.36 -15.73
N LEU A 212 5.30 -7.47 -14.95
CA LEU A 212 5.81 -7.88 -13.64
C LEU A 212 4.90 -7.52 -12.48
N GLY A 213 3.72 -6.97 -12.79
CA GLY A 213 2.77 -6.57 -11.80
C GLY A 213 3.18 -5.35 -11.00
N MET A 214 3.98 -4.46 -11.55
CA MET A 214 4.45 -3.26 -10.86
C MET A 214 3.41 -2.15 -11.10
N ARG A 215 2.53 -2.00 -10.13
CA ARG A 215 1.35 -1.15 -10.20
C ARG A 215 1.54 0.27 -9.70
N ASP A 216 2.63 0.55 -8.99
CA ASP A 216 2.80 1.80 -8.29
C ASP A 216 4.10 2.52 -8.66
N CYS A 217 4.44 2.48 -9.94
CA CYS A 217 5.65 3.15 -10.41
C CYS A 217 5.33 3.95 -11.69
N GLY A 218 6.22 4.87 -12.04
CA GLY A 218 6.03 5.73 -13.22
C GLY A 218 7.14 6.79 -13.28
N PHE A 219 6.90 7.84 -14.07
CA PHE A 219 7.78 8.97 -14.25
C PHE A 219 7.20 10.25 -13.68
N VAL A 220 5.89 10.44 -13.76
CA VAL A 220 5.26 11.67 -13.26
C VAL A 220 4.07 11.27 -12.40
N SER A 221 3.97 11.81 -11.20
CA SER A 221 2.90 11.53 -10.26
C SER A 221 2.06 12.78 -9.98
N ALA A 222 0.77 12.59 -9.70
CA ALA A 222 -0.04 13.71 -9.22
C ALA A 222 -0.42 13.55 -7.75
N GLU A 223 0.25 12.64 -7.04
CA GLU A 223 -0.08 12.41 -5.63
C GLU A 223 1.05 12.62 -4.64
N PRO A 224 1.42 13.85 -4.36
CA PRO A 224 2.51 14.14 -3.42
C PRO A 224 2.31 13.60 -2.01
N GLU A 225 1.07 13.41 -1.57
CA GLU A 225 0.73 12.93 -0.24
C GLU A 225 1.18 11.49 0.01
N ARG A 226 1.48 10.78 -1.06
CA ARG A 226 1.97 9.41 -0.98
C ARG A 226 3.49 9.35 -0.85
N PHE A 227 4.21 10.44 -1.04
CA PHE A 227 5.67 10.34 -1.17
C PHE A 227 6.42 10.50 0.14
N ALA A 228 7.60 9.88 0.16
CA ALA A 228 8.64 10.20 1.11
C ALA A 228 9.26 11.55 0.73
N VAL A 229 9.28 12.49 1.66
CA VAL A 229 9.83 13.84 1.45
C VAL A 229 11.34 13.78 1.46
N PRO A 230 12.08 14.27 0.47
CA PRO A 230 13.55 14.20 0.54
C PRO A 230 14.23 15.13 1.54
N TYR A 231 15.12 14.54 2.33
CA TYR A 231 16.03 15.21 3.25
C TYR A 231 17.49 14.98 2.85
N HIS A 232 18.42 15.86 3.28
CA HIS A 232 19.84 15.55 3.12
C HIS A 232 20.50 15.46 4.50
N ASP A 233 21.63 14.75 4.57
CA ASP A 233 22.30 14.51 5.86
C ASP A 233 22.56 15.81 6.59
N GLY A 234 22.48 15.79 7.92
CA GLY A 234 22.78 17.05 8.61
C GLY A 234 22.86 16.83 10.10
N GLN A 235 23.39 17.82 10.82
CA GLN A 235 23.46 17.76 12.28
C GLN A 235 23.00 19.09 12.83
N PRO A 236 22.06 19.14 13.76
CA PRO A 236 21.63 18.00 14.57
C PRO A 236 20.67 17.04 13.88
N GLU A 237 20.12 17.40 12.74
CA GLU A 237 19.15 16.53 12.07
C GLU A 237 19.19 16.69 10.55
N PRO A 238 18.69 15.72 9.81
CA PRO A 238 18.61 15.90 8.34
C PRO A 238 17.72 17.07 7.99
N VAL A 239 17.96 17.70 6.84
CA VAL A 239 17.22 18.91 6.48
C VAL A 239 16.41 18.70 5.20
N ARG A 240 15.16 19.18 5.21
CA ARG A 240 14.25 19.04 4.09
C ARG A 240 14.71 19.79 2.86
N MET A 241 14.79 19.13 1.70
CA MET A 241 15.33 19.80 0.52
C MET A 241 14.30 20.63 -0.24
N ARG A 242 14.73 21.68 -0.96
CA ARG A 242 13.87 22.44 -1.86
C ARG A 242 14.51 22.48 -3.24
N ASP A 243 13.81 22.94 -4.26
CA ASP A 243 14.40 22.80 -5.61
C ASP A 243 15.65 23.63 -5.84
N GLY A 244 16.64 23.04 -6.48
CA GLY A 244 17.81 23.79 -6.94
C GLY A 244 18.99 23.74 -6.02
N ILE A 245 18.86 23.16 -4.83
CA ILE A 245 20.03 23.15 -3.95
C ILE A 245 21.04 22.12 -4.40
N GLU A 246 22.29 22.36 -4.00
CA GLU A 246 23.41 21.51 -4.45
C GLU A 246 23.99 20.77 -3.26
N VAL A 247 24.20 19.46 -3.35
CA VAL A 247 24.70 18.75 -2.17
C VAL A 247 25.93 17.94 -2.55
N PRO A 248 27.09 18.26 -2.01
CA PRO A 248 28.32 17.51 -2.37
C PRO A 248 28.23 16.02 -2.05
N LEU A 249 28.74 15.22 -2.97
CA LEU A 249 28.73 13.77 -2.80
C LEU A 249 29.84 13.34 -1.86
N PRO A 250 29.65 12.17 -1.27
CA PRO A 250 30.69 11.60 -0.40
C PRO A 250 31.99 11.44 -1.19
N GLU A 251 33.08 11.54 -0.47
CA GLU A 251 34.42 11.26 -0.98
C GLU A 251 34.45 10.02 -1.85
N GLY A 252 35.05 10.13 -3.04
CA GLY A 252 35.17 8.99 -3.93
C GLY A 252 33.88 8.66 -4.66
N HIS A 253 32.90 9.56 -4.55
CA HIS A 253 31.62 9.33 -5.22
C HIS A 253 31.36 10.38 -6.31
N GLY A 254 32.15 11.44 -6.34
CA GLY A 254 31.97 12.48 -7.36
C GLY A 254 31.91 13.87 -6.75
N ALA A 255 31.42 14.84 -7.52
CA ALA A 255 31.41 16.22 -7.07
C ALA A 255 30.14 16.54 -6.25
N ALA A 256 29.02 16.63 -6.95
CA ALA A 256 27.75 17.02 -6.33
C ALA A 256 26.55 16.67 -7.20
N VAL A 257 25.39 16.79 -6.57
CA VAL A 257 24.08 16.62 -7.16
C VAL A 257 23.23 17.87 -6.90
N ARG A 258 22.56 18.34 -7.94
CA ARG A 258 21.58 19.40 -7.79
C ARG A 258 20.20 18.76 -7.70
N PHE A 259 19.53 18.84 -6.56
CA PHE A 259 18.23 18.20 -6.39
C PHE A 259 17.03 19.08 -6.72
N ALA A 260 16.00 18.52 -7.34
CA ALA A 260 14.72 19.20 -7.47
C ALA A 260 13.61 18.24 -7.05
N PRO A 261 13.25 18.22 -5.76
CA PRO A 261 12.18 17.32 -5.33
C PRO A 261 10.88 17.51 -6.09
N SER A 262 10.60 18.67 -6.66
CA SER A 262 9.32 18.80 -7.34
C SER A 262 9.35 18.18 -8.73
N ARG A 263 10.49 17.66 -9.16
CA ARG A 263 10.58 17.14 -10.53
C ARG A 263 9.58 16.03 -10.82
N VAL A 264 9.32 15.19 -9.83
CA VAL A 264 8.45 14.02 -10.06
C VAL A 264 7.00 14.42 -10.30
N PHE A 265 6.65 15.65 -9.95
CA PHE A 265 5.29 16.13 -10.11
C PHE A 265 5.11 17.02 -11.34
N GLU A 266 6.17 17.28 -12.10
CA GLU A 266 6.08 18.21 -13.23
C GLU A 266 5.98 17.46 -14.56
N PRO A 267 4.86 17.53 -15.28
CA PRO A 267 4.69 16.81 -16.53
C PRO A 267 5.72 17.22 -17.59
N GLY A 268 6.24 18.42 -17.45
CA GLY A 268 7.19 18.93 -18.44
C GLY A 268 8.62 18.44 -18.18
N ALA A 269 8.83 17.67 -17.11
CA ALA A 269 10.17 17.12 -16.81
C ALA A 269 10.47 15.99 -17.77
N TYR A 270 11.56 16.06 -18.58
CA TYR A 270 11.73 14.96 -19.54
C TYR A 270 11.95 13.63 -18.83
N PRO A 271 11.52 12.54 -19.46
CA PRO A 271 11.76 11.24 -18.84
C PRO A 271 13.24 10.88 -18.84
N SER A 272 13.85 10.78 -17.65
CA SER A 272 15.26 10.41 -17.56
C SER A 272 15.40 8.92 -17.28
N GLY A 273 15.97 8.19 -18.24
CA GLY A 273 16.17 6.75 -18.09
C GLY A 273 17.16 6.37 -17.01
N GLY A 274 18.04 7.29 -16.61
CA GLY A 274 19.00 7.00 -15.55
C GLY A 274 18.61 7.48 -14.18
N ALA A 275 17.60 8.35 -14.05
CA ALA A 275 17.34 8.94 -12.73
C ALA A 275 15.88 9.32 -12.51
N GLY A 276 15.00 9.04 -13.45
CA GLY A 276 13.70 9.67 -13.52
C GLY A 276 12.46 9.06 -12.97
N MET A 277 12.46 7.83 -12.46
CA MET A 277 11.23 7.15 -12.06
C MET A 277 10.87 7.33 -10.58
N TYR A 278 9.62 7.02 -10.25
CA TYR A 278 9.20 6.86 -8.86
C TYR A 278 8.71 5.42 -8.69
N GLY A 279 8.64 4.92 -7.47
CA GLY A 279 7.97 3.64 -7.27
C GLY A 279 7.89 3.31 -5.79
N SER A 280 7.21 2.20 -5.48
CA SER A 280 7.20 1.65 -4.13
C SER A 280 8.28 0.61 -3.89
N ALA A 281 8.50 0.28 -2.62
CA ALA A 281 9.44 -0.81 -2.31
C ALA A 281 8.99 -2.11 -2.96
N ASP A 282 7.70 -2.41 -2.90
CA ASP A 282 7.24 -3.67 -3.50
C ASP A 282 7.52 -3.72 -4.98
N ASP A 283 7.29 -2.57 -5.63
CA ASP A 283 7.50 -2.64 -7.10
C ASP A 283 8.99 -2.81 -7.40
N VAL A 284 9.85 -2.16 -6.61
CA VAL A 284 11.28 -2.35 -6.90
C VAL A 284 11.63 -3.82 -6.66
N LEU A 285 11.08 -4.41 -5.61
CA LEU A 285 11.39 -5.81 -5.31
C LEU A 285 10.95 -6.72 -6.46
N ARG A 286 9.79 -6.41 -7.07
CA ARG A 286 9.35 -7.22 -8.21
C ARG A 286 10.39 -7.19 -9.34
N ALA A 287 10.97 -6.02 -9.60
CA ALA A 287 11.98 -5.97 -10.65
C ALA A 287 13.25 -6.73 -10.26
N LEU A 288 13.68 -6.56 -9.01
CA LEU A 288 14.90 -7.24 -8.55
C LEU A 288 14.71 -8.76 -8.60
N GLU A 289 13.52 -9.23 -8.27
CA GLU A 289 13.26 -10.67 -8.25
C GLU A 289 13.21 -11.23 -9.66
N ALA A 290 12.72 -10.39 -10.59
CA ALA A 290 12.69 -10.82 -11.98
C ALA A 290 14.11 -10.96 -12.51
N ILE A 291 14.94 -10.01 -12.09
CA ILE A 291 16.35 -10.11 -12.46
C ILE A 291 16.94 -11.35 -11.83
N ARG A 292 16.65 -11.57 -10.54
CA ARG A 292 17.28 -12.68 -9.83
C ARG A 292 16.91 -14.05 -10.37
N ALA A 293 15.61 -14.29 -10.55
CA ALA A 293 15.18 -15.66 -10.83
C ALA A 293 14.73 -15.90 -12.27
N ASN A 294 14.56 -14.83 -13.04
CA ASN A 294 14.16 -14.84 -14.43
C ASN A 294 13.15 -15.93 -14.79
N PRO A 295 11.90 -15.78 -14.36
CA PRO A 295 10.89 -16.76 -14.76
C PRO A 295 10.37 -16.46 -16.16
N GLY A 296 11.15 -16.86 -17.17
CA GLY A 296 10.71 -16.63 -18.54
C GLY A 296 10.60 -15.18 -18.94
N PHE A 297 11.20 -14.23 -18.22
CA PHE A 297 11.03 -12.82 -18.56
C PHE A 297 11.96 -12.41 -19.70
N LEU A 298 13.15 -13.03 -19.71
CA LEU A 298 14.11 -12.83 -20.77
C LEU A 298 14.69 -14.18 -21.20
N PRO A 299 15.20 -14.27 -22.43
CA PRO A 299 15.86 -15.49 -22.86
C PRO A 299 17.07 -15.78 -21.97
N GLU A 300 17.28 -17.04 -21.63
CA GLU A 300 18.33 -17.40 -20.69
C GLU A 300 19.68 -16.83 -21.06
N THR A 301 20.07 -16.88 -22.34
CA THR A 301 21.42 -16.38 -22.62
C THR A 301 21.55 -14.88 -22.35
N LEU A 302 20.52 -14.10 -22.67
CA LEU A 302 20.50 -12.66 -22.45
C LEU A 302 20.45 -12.32 -20.97
N ALA A 303 19.65 -13.06 -20.19
CA ALA A 303 19.60 -12.87 -18.75
C ALA A 303 20.96 -13.15 -18.11
N ASP A 304 21.61 -14.22 -18.55
CA ASP A 304 22.95 -14.55 -18.05
C ASP A 304 23.95 -13.45 -18.40
N ALA A 305 23.93 -12.99 -19.64
CA ALA A 305 24.80 -11.90 -20.06
C ALA A 305 24.59 -10.65 -19.20
N ALA A 306 23.33 -10.33 -18.95
CA ALA A 306 22.99 -9.12 -18.19
C ALA A 306 23.50 -9.14 -16.75
N ARG A 307 23.65 -10.32 -16.13
CA ARG A 307 24.07 -10.43 -14.74
C ARG A 307 25.54 -10.76 -14.56
N ARG A 308 26.23 -10.90 -15.68
CA ARG A 308 27.63 -11.25 -15.81
C ARG A 308 28.50 -10.01 -15.88
N ASP A 309 29.70 -10.03 -15.30
CA ASP A 309 30.57 -8.87 -15.44
C ASP A 309 30.99 -8.68 -16.88
N GLN A 310 30.59 -7.56 -17.49
CA GLN A 310 30.93 -7.24 -18.86
C GLN A 310 32.08 -6.23 -18.92
N ALA A 311 32.50 -5.71 -17.78
CA ALA A 311 33.50 -4.64 -17.75
C ALA A 311 34.84 -5.06 -17.16
N GLY A 312 34.89 -6.04 -16.27
CA GLY A 312 36.13 -6.45 -15.62
C GLY A 312 36.31 -5.85 -14.24
N VAL A 313 36.95 -6.58 -13.32
CA VAL A 313 37.17 -6.12 -11.95
C VAL A 313 37.90 -4.79 -11.87
N GLY A 314 38.64 -4.50 -12.94
CA GLY A 314 39.48 -3.30 -12.97
C GLY A 314 38.66 -2.02 -12.93
N ALA A 315 37.40 -2.11 -13.34
CA ALA A 315 36.51 -0.96 -13.39
C ALA A 315 36.20 -0.42 -11.99
N GLU A 316 36.39 -1.25 -10.99
CA GLU A 316 36.22 -0.93 -9.58
C GLU A 316 35.00 -0.04 -9.38
N THR A 317 33.84 -0.55 -9.80
CA THR A 317 32.70 0.36 -9.92
C THR A 317 32.08 0.74 -8.58
N ARG A 318 32.30 -0.06 -7.55
CA ARG A 318 31.89 0.21 -6.18
C ARG A 318 33.12 0.15 -5.29
N GLY A 319 34.23 0.57 -5.89
CA GLY A 319 35.54 0.34 -5.29
C GLY A 319 36.13 -0.96 -5.80
N PRO A 320 37.28 -1.33 -5.25
CA PRO A 320 37.95 -2.55 -5.70
C PRO A 320 37.05 -3.79 -5.55
N GLY A 321 37.12 -4.71 -6.51
CA GLY A 321 36.50 -6.02 -6.44
C GLY A 321 35.24 -6.13 -7.26
N TRP A 322 34.80 -5.04 -7.87
CA TRP A 322 33.52 -4.91 -8.55
C TRP A 322 33.58 -4.54 -10.02
N GLY A 323 32.97 -5.35 -10.91
CA GLY A 323 32.83 -4.89 -12.29
C GLY A 323 31.38 -4.47 -12.54
N PHE A 324 30.85 -4.73 -13.74
CA PHE A 324 29.53 -4.22 -14.12
C PHE A 324 28.94 -5.04 -15.25
N GLY A 325 27.63 -5.28 -15.20
CA GLY A 325 26.96 -5.99 -16.30
C GLY A 325 26.08 -5.11 -17.15
N TYR A 326 24.81 -5.52 -17.34
CA TYR A 326 23.88 -4.64 -18.07
C TYR A 326 22.86 -3.97 -17.15
N LEU A 327 22.95 -4.17 -15.84
CA LEU A 327 21.94 -3.71 -14.89
C LEU A 327 22.50 -3.04 -13.65
N SER A 328 23.77 -3.30 -13.33
CA SER A 328 24.33 -2.99 -12.03
C SER A 328 25.81 -3.35 -11.94
N ALA A 329 26.38 -3.05 -10.77
CA ALA A 329 27.71 -3.57 -10.48
C ALA A 329 27.61 -5.08 -10.29
N VAL A 330 28.70 -5.81 -10.51
CA VAL A 330 28.74 -7.25 -10.27
C VAL A 330 29.92 -7.59 -9.37
N LEU A 331 29.68 -8.26 -8.25
CA LEU A 331 30.82 -8.55 -7.36
C LEU A 331 31.72 -9.63 -7.93
N ASP A 332 33.00 -9.34 -8.22
CA ASP A 332 33.94 -10.36 -8.70
C ASP A 332 34.80 -10.94 -7.58
N ASP A 333 35.14 -10.11 -6.60
CA ASP A 333 36.09 -10.51 -5.54
C ASP A 333 35.73 -9.98 -4.16
N PRO A 334 34.94 -10.72 -3.40
CA PRO A 334 34.48 -10.31 -2.06
C PRO A 334 35.59 -9.85 -1.14
N ALA A 335 36.68 -10.64 -1.10
CA ALA A 335 37.82 -10.29 -0.26
C ALA A 335 38.32 -8.88 -0.56
N ALA A 336 38.63 -8.62 -1.83
CA ALA A 336 39.09 -7.28 -2.19
C ALA A 336 38.07 -6.22 -1.81
N ALA A 337 36.79 -6.58 -1.81
CA ALA A 337 35.72 -5.60 -1.59
C ALA A 337 35.40 -5.47 -0.12
N GLY A 338 36.06 -6.34 0.64
CA GLY A 338 35.86 -6.29 2.09
C GLY A 338 34.42 -6.53 2.46
N THR A 339 33.78 -7.47 1.76
CA THR A 339 32.38 -7.74 2.06
C THR A 339 32.08 -9.21 2.24
N PRO A 340 31.06 -9.49 3.05
CA PRO A 340 30.59 -10.87 3.25
C PRO A 340 29.70 -11.36 2.11
N GLN A 341 29.37 -10.50 1.15
CA GLN A 341 28.49 -10.93 0.05
C GLN A 341 29.25 -11.89 -0.86
N HIS A 342 28.52 -12.79 -1.53
CA HIS A 342 29.18 -13.81 -2.35
C HIS A 342 29.49 -13.32 -3.75
N ALA A 343 30.51 -13.94 -4.35
CA ALA A 343 30.81 -13.58 -5.74
C ALA A 343 29.57 -13.69 -6.63
N GLY A 344 29.42 -12.78 -7.57
CA GLY A 344 28.25 -12.80 -8.45
C GLY A 344 27.19 -11.83 -7.97
N THR A 345 27.34 -11.25 -6.78
CA THR A 345 26.36 -10.33 -6.24
C THR A 345 26.19 -9.12 -7.17
N LEU A 346 24.91 -8.77 -7.37
CA LEU A 346 24.52 -7.58 -8.12
C LEU A 346 24.22 -6.42 -7.17
N GLN A 347 24.70 -5.20 -7.44
CA GLN A 347 24.42 -4.13 -6.46
C GLN A 347 24.46 -2.76 -7.14
N TRP A 348 23.61 -1.82 -6.73
CA TRP A 348 23.67 -0.42 -7.18
C TRP A 348 22.85 0.42 -6.22
N GLY A 349 22.61 1.70 -6.48
CA GLY A 349 21.95 2.54 -5.48
C GLY A 349 21.30 3.76 -6.13
N GLY A 350 20.99 4.77 -5.33
CA GLY A 350 20.37 5.97 -5.89
C GLY A 350 20.64 7.20 -5.04
N VAL A 351 20.86 8.38 -5.64
CA VAL A 351 21.29 9.53 -4.83
C VAL A 351 20.22 10.09 -3.91
N TYR A 352 18.94 9.78 -4.07
CA TYR A 352 17.97 10.20 -3.05
C TYR A 352 18.20 9.45 -1.73
N GLY A 353 19.02 8.41 -1.70
CA GLY A 353 19.33 7.71 -0.45
C GLY A 353 18.90 6.23 -0.52
N HIS A 354 19.23 5.53 -1.59
CA HIS A 354 18.81 4.14 -1.76
C HIS A 354 19.98 3.22 -2.10
N SER A 355 19.80 1.95 -1.76
CA SER A 355 20.75 0.87 -1.99
C SER A 355 20.05 -0.46 -2.17
N TRP A 356 20.54 -1.33 -3.07
CA TRP A 356 19.93 -2.64 -3.19
C TRP A 356 21.00 -3.66 -3.60
N PHE A 357 20.84 -4.91 -3.22
CA PHE A 357 21.73 -5.90 -3.84
C PHE A 357 21.00 -7.24 -3.98
N VAL A 358 21.46 -8.03 -4.95
CA VAL A 358 20.99 -9.40 -5.10
C VAL A 358 22.16 -10.35 -4.93
N ASP A 359 22.23 -11.08 -3.83
CA ASP A 359 23.28 -12.07 -3.61
C ASP A 359 22.73 -13.38 -4.20
N ARG A 360 23.10 -13.60 -5.46
CA ARG A 360 22.55 -14.67 -6.27
C ARG A 360 22.81 -16.03 -5.65
N ALA A 361 24.04 -16.23 -5.18
CA ALA A 361 24.40 -17.51 -4.58
C ALA A 361 23.48 -17.88 -3.42
N LEU A 362 23.05 -16.88 -2.64
CA LEU A 362 22.19 -17.13 -1.49
C LEU A 362 20.71 -16.92 -1.78
N GLY A 363 20.36 -16.61 -3.02
CA GLY A 363 18.97 -16.37 -3.37
C GLY A 363 18.39 -15.12 -2.75
N LEU A 364 19.23 -14.22 -2.28
CA LEU A 364 18.89 -13.07 -1.47
C LEU A 364 18.66 -11.79 -2.29
N SER A 365 17.50 -11.17 -2.15
CA SER A 365 17.24 -9.80 -2.59
C SER A 365 17.07 -8.90 -1.36
N VAL A 366 17.88 -7.85 -1.28
CA VAL A 366 17.84 -6.91 -0.17
C VAL A 366 17.71 -5.48 -0.65
N LEU A 367 16.72 -4.75 -0.17
CA LEU A 367 16.39 -3.43 -0.72
C LEU A 367 16.15 -2.42 0.38
N LEU A 368 16.76 -1.25 0.20
CA LEU A 368 16.62 -0.14 1.12
C LEU A 368 16.23 1.13 0.35
N LEU A 369 15.03 1.65 0.63
CA LEU A 369 14.64 2.94 0.07
C LEU A 369 14.57 3.96 1.21
N THR A 370 15.21 5.12 1.13
CA THR A 370 15.10 6.11 2.20
C THR A 370 14.80 7.50 1.66
N ASN A 371 14.54 8.43 2.58
CA ASN A 371 14.37 9.83 2.25
C ASN A 371 15.56 10.64 2.77
N THR A 372 16.72 9.96 2.96
CA THR A 372 17.86 10.69 3.51
C THR A 372 19.09 10.56 2.62
N ALA A 373 19.39 11.60 1.85
CA ALA A 373 20.59 11.65 1.00
C ALA A 373 21.79 12.15 1.82
N TYR A 374 22.88 11.43 1.92
CA TYR A 374 23.22 10.20 1.24
C TYR A 374 23.33 8.97 2.15
N GLU A 375 22.93 9.08 3.41
CA GLU A 375 23.03 7.97 4.35
C GLU A 375 22.45 6.68 3.79
N GLY A 376 21.27 6.70 3.17
CA GLY A 376 20.68 5.44 2.69
C GLY A 376 21.33 4.98 1.41
N MET A 377 22.22 5.76 0.79
CA MET A 377 22.91 5.34 -0.42
C MET A 377 24.30 4.76 -0.07
N SER A 378 25.07 5.53 0.68
CA SER A 378 26.48 5.19 0.86
C SER A 378 26.93 5.21 2.31
N GLY A 379 26.08 5.57 3.25
CA GLY A 379 26.50 5.83 4.62
C GLY A 379 26.69 4.61 5.49
N PRO A 380 27.06 4.83 6.75
CA PRO A 380 27.22 3.73 7.71
C PRO A 380 26.02 2.80 7.78
N LEU A 381 24.82 3.37 7.71
CA LEU A 381 23.57 2.62 7.65
C LEU A 381 23.62 1.46 6.67
N THR A 382 24.16 1.73 5.48
CA THR A 382 24.12 0.66 4.48
C THR A 382 25.03 -0.48 4.90
N ILE A 383 26.14 -0.12 5.56
CA ILE A 383 27.13 -1.15 5.92
C ILE A 383 26.62 -1.95 7.10
N ALA A 384 26.05 -1.26 8.07
CA ALA A 384 25.50 -1.95 9.24
C ALA A 384 24.34 -2.87 8.87
N LEU A 385 23.48 -2.49 7.94
CA LEU A 385 22.39 -3.33 7.49
C LEU A 385 22.87 -4.58 6.76
N ARG A 386 23.81 -4.38 5.84
CA ARG A 386 24.45 -5.47 5.10
C ARG A 386 25.08 -6.46 6.07
N ASP A 387 25.87 -5.96 7.01
CA ASP A 387 26.50 -6.83 8.01
C ASP A 387 25.50 -7.57 8.89
N ALA A 388 24.36 -6.96 9.24
CA ALA A 388 23.38 -7.71 10.05
C ALA A 388 22.70 -8.81 9.25
N VAL A 389 22.50 -8.59 7.94
CA VAL A 389 21.94 -9.65 7.12
C VAL A 389 22.80 -10.90 7.15
N TYR A 390 24.12 -10.69 7.07
CA TYR A 390 25.02 -11.83 7.03
C TYR A 390 25.54 -12.21 8.42
N ALA A 391 25.06 -11.64 9.51
CA ALA A 391 25.69 -11.94 10.81
C ALA A 391 25.69 -13.43 11.13
N ALA B 15 4.00 2.70 24.66
CA ALA B 15 3.99 1.81 23.50
C ALA B 15 4.69 0.48 23.80
N ALA B 16 5.81 0.51 24.50
CA ALA B 16 6.58 -0.70 24.82
C ALA B 16 5.88 -1.68 25.74
N SER B 17 5.23 -1.21 26.80
CA SER B 17 4.57 -2.15 27.71
C SER B 17 3.26 -2.69 27.13
N LEU B 18 2.53 -1.80 26.46
CA LEU B 18 1.29 -2.16 25.79
C LEU B 18 1.55 -3.27 24.78
N ALA B 19 2.61 -3.04 24.01
CA ALA B 19 2.98 -3.96 22.94
C ALA B 19 3.33 -5.32 23.54
N ALA B 20 4.01 -5.30 24.70
CA ALA B 20 4.30 -6.58 25.35
C ALA B 20 3.01 -7.28 25.77
N ARG B 21 2.08 -6.57 26.40
CA ARG B 21 0.80 -7.18 26.78
C ARG B 21 0.09 -7.74 25.56
N LEU B 22 0.02 -6.93 24.49
CA LEU B 22 -0.73 -7.39 23.32
C LEU B 22 -0.12 -8.61 22.65
N ASP B 23 1.21 -8.60 22.47
CA ASP B 23 1.87 -9.74 21.84
C ASP B 23 1.68 -10.99 22.69
N ALA B 24 1.62 -10.81 24.01
CA ALA B 24 1.41 -11.96 24.90
C ALA B 24 0.06 -12.61 24.59
N VAL B 25 -0.98 -11.81 24.53
CA VAL B 25 -2.31 -12.19 24.07
C VAL B 25 -2.28 -12.90 22.73
N PHE B 26 -1.68 -12.23 21.74
CA PHE B 26 -1.65 -12.85 20.42
C PHE B 26 -0.89 -14.17 20.42
N ASP B 27 0.28 -14.17 21.08
CA ASP B 27 1.08 -15.38 21.15
C ASP B 27 0.25 -16.58 21.63
N GLN B 28 -0.40 -16.37 22.77
CA GLN B 28 -1.19 -17.46 23.34
C GLN B 28 -2.24 -17.94 22.34
N ALA B 29 -2.84 -16.95 21.68
CA ALA B 29 -3.94 -17.23 20.77
C ALA B 29 -3.45 -18.01 19.57
N LEU B 30 -2.30 -17.62 19.03
CA LEU B 30 -1.78 -18.39 17.91
C LEU B 30 -1.42 -19.79 18.36
N ARG B 31 -0.79 -19.92 19.53
CA ARG B 31 -0.30 -21.27 19.84
C ARG B 31 -1.49 -22.20 20.09
N GLU B 32 -2.57 -21.67 20.66
CA GLU B 32 -3.76 -22.46 20.98
C GLU B 32 -4.67 -22.67 19.78
N ARG B 33 -4.22 -22.30 18.61
CA ARG B 33 -4.88 -22.50 17.33
C ARG B 33 -6.30 -21.92 17.29
N ARG B 34 -6.47 -20.82 17.99
CA ARG B 34 -7.71 -20.09 18.09
C ARG B 34 -7.79 -18.98 17.04
N LEU B 35 -6.62 -18.66 16.49
CA LEU B 35 -6.47 -17.56 15.56
C LEU B 35 -5.53 -17.93 14.43
N VAL B 36 -5.88 -17.63 13.18
CA VAL B 36 -4.91 -17.90 12.11
C VAL B 36 -4.02 -16.68 11.93
N GLY B 37 -4.61 -15.51 11.71
CA GLY B 37 -3.76 -14.32 11.56
C GLY B 37 -4.56 -13.06 11.84
N ALA B 38 -3.90 -11.95 12.17
CA ALA B 38 -4.61 -10.71 12.45
C ALA B 38 -3.77 -9.49 12.12
N VAL B 39 -4.44 -8.35 11.98
CA VAL B 39 -3.72 -7.07 12.04
C VAL B 39 -4.40 -6.24 13.13
N ALA B 40 -3.62 -5.67 14.04
CA ALA B 40 -4.24 -4.87 15.10
C ALA B 40 -3.57 -3.51 15.20
N ILE B 41 -4.34 -2.45 15.39
CA ILE B 41 -3.72 -1.13 15.55
C ILE B 41 -4.28 -0.40 16.76
N VAL B 42 -3.45 0.24 17.55
CA VAL B 42 -3.88 1.12 18.65
C VAL B 42 -3.33 2.52 18.42
N ALA B 43 -4.23 3.49 18.33
CA ALA B 43 -3.88 4.90 18.19
C ALA B 43 -4.37 5.72 19.38
N ARG B 44 -3.62 6.74 19.80
CA ARG B 44 -4.13 7.59 20.89
C ARG B 44 -3.90 9.05 20.53
N HIS B 45 -5.00 9.79 20.43
CA HIS B 45 -4.97 11.13 19.89
C HIS B 45 -4.14 11.20 18.61
N GLY B 46 -4.37 10.22 17.72
CA GLY B 46 -3.82 10.27 16.38
C GLY B 46 -2.38 9.77 16.30
N GLU B 47 -1.83 9.35 17.42
CA GLU B 47 -0.49 8.83 17.63
C GLU B 47 -0.52 7.31 17.61
N ILE B 48 0.26 6.69 16.71
CA ILE B 48 0.20 5.22 16.67
C ILE B 48 0.98 4.62 17.84
N LEU B 49 0.33 3.87 18.73
CA LEU B 49 1.08 3.22 19.82
C LEU B 49 1.41 1.76 19.51
N TYR B 50 0.66 1.10 18.63
CA TYR B 50 0.88 -0.29 18.25
C TYR B 50 0.34 -0.52 16.83
N ARG B 51 1.12 -1.14 15.98
CA ARG B 51 0.65 -1.48 14.62
C ARG B 51 1.38 -2.74 14.17
N ARG B 52 0.74 -3.91 14.26
CA ARG B 52 1.45 -5.16 14.01
C ARG B 52 0.57 -6.19 13.29
N ALA B 53 1.21 -6.93 12.41
CA ALA B 53 0.67 -8.12 11.78
C ALA B 53 0.96 -9.34 12.66
N GLN B 54 0.03 -10.28 12.72
CA GLN B 54 0.19 -11.47 13.56
C GLN B 54 -0.22 -12.72 12.80
N GLY B 55 0.54 -13.80 12.91
CA GLY B 55 0.18 -15.04 12.24
C GLY B 55 0.15 -15.06 10.73
N LEU B 56 -0.78 -15.81 10.13
CA LEU B 56 -0.75 -16.04 8.69
C LEU B 56 -2.00 -15.51 8.00
N ALA B 57 -1.83 -15.06 6.77
CA ALA B 57 -2.90 -14.61 5.91
C ALA B 57 -3.50 -15.79 5.13
N ASP B 58 -2.61 -16.67 4.68
CA ASP B 58 -2.96 -17.92 4.01
C ASP B 58 -2.15 -19.06 4.59
N ARG B 59 -2.78 -19.82 5.47
CA ARG B 59 -2.14 -20.92 6.19
C ARG B 59 -1.58 -21.97 5.24
N GLU B 60 -2.44 -22.44 4.33
CA GLU B 60 -2.05 -23.51 3.42
C GLU B 60 -0.85 -23.12 2.57
N ALA B 61 -0.75 -21.84 2.22
CA ALA B 61 0.35 -21.38 1.38
C ALA B 61 1.55 -20.96 2.24
N GLY B 62 1.37 -20.91 3.56
CA GLY B 62 2.41 -20.44 4.44
C GLY B 62 2.70 -18.97 4.29
N ARG B 63 1.76 -18.15 3.82
CA ARG B 63 2.02 -16.73 3.60
C ARG B 63 1.70 -15.87 4.81
N PRO B 64 2.70 -15.24 5.40
CA PRO B 64 2.46 -14.41 6.58
C PRO B 64 1.51 -13.24 6.33
N MET B 65 0.79 -12.92 7.40
CA MET B 65 0.00 -11.70 7.45
C MET B 65 0.93 -10.49 7.40
N ARG B 66 0.52 -9.42 6.75
CA ARG B 66 1.27 -8.18 6.67
C ARG B 66 0.38 -7.02 7.15
N GLU B 67 1.05 -5.92 7.48
CA GLU B 67 0.33 -4.79 8.07
C GLU B 67 -0.71 -4.23 7.11
N ASP B 68 -0.44 -4.39 5.82
CA ASP B 68 -1.35 -3.83 4.81
C ASP B 68 -2.06 -4.93 4.03
N THR B 69 -2.16 -6.11 4.66
CA THR B 69 -2.98 -7.15 4.04
C THR B 69 -4.43 -6.68 3.89
N LEU B 70 -5.14 -7.01 2.81
CA LEU B 70 -6.54 -6.60 2.67
C LEU B 70 -7.50 -7.58 3.33
N PHE B 71 -8.59 -7.02 3.87
CA PHE B 71 -9.59 -7.88 4.50
C PHE B 71 -11.00 -7.65 3.94
N ARG B 72 -11.80 -8.70 3.81
CA ARG B 72 -13.23 -8.48 3.60
C ARG B 72 -13.79 -7.85 4.87
N LEU B 73 -14.46 -6.71 4.81
CA LEU B 73 -14.80 -6.04 6.06
C LEU B 73 -16.10 -6.50 6.73
N ALA B 74 -17.00 -7.15 6.01
CA ALA B 74 -18.31 -7.47 6.60
C ALA B 74 -18.89 -6.20 7.21
N SER B 75 -19.44 -6.20 8.42
CA SER B 75 -20.12 -5.03 8.96
C SER B 75 -19.18 -3.94 9.43
N VAL B 76 -17.88 -4.08 9.24
CA VAL B 76 -17.00 -2.91 9.38
C VAL B 76 -17.24 -1.94 8.23
N THR B 77 -17.92 -2.40 7.18
CA THR B 77 -18.45 -1.58 6.11
C THR B 77 -19.44 -0.53 6.61
N LYS B 78 -20.26 -0.85 7.63
CA LYS B 78 -21.34 0.07 7.99
C LYS B 78 -20.86 1.46 8.37
N PRO B 79 -19.87 1.66 9.23
CA PRO B 79 -19.50 3.05 9.54
C PRO B 79 -19.05 3.82 8.30
N ILE B 80 -18.44 3.13 7.34
CA ILE B 80 -17.94 3.85 6.17
C ILE B 80 -19.10 4.29 5.31
N VAL B 81 -20.04 3.37 5.10
CA VAL B 81 -21.23 3.72 4.29
C VAL B 81 -22.10 4.69 5.07
N ALA B 82 -22.20 4.57 6.40
CA ALA B 82 -22.98 5.58 7.14
C ALA B 82 -22.34 6.96 7.00
N LEU B 83 -21.02 7.05 7.03
CA LEU B 83 -20.37 8.32 6.74
C LEU B 83 -20.82 8.87 5.39
N ALA B 84 -21.00 8.00 4.40
CA ALA B 84 -21.37 8.51 3.08
C ALA B 84 -22.74 9.16 3.13
N VAL B 85 -23.67 8.47 3.81
CA VAL B 85 -25.03 8.98 3.97
C VAL B 85 -24.99 10.32 4.70
N LEU B 86 -24.18 10.45 5.76
CA LEU B 86 -24.11 11.70 6.52
C LEU B 86 -23.49 12.82 5.71
N ARG B 87 -22.54 12.49 4.84
CA ARG B 87 -21.94 13.53 3.99
C ARG B 87 -23.04 14.07 3.07
N LEU B 88 -23.92 13.19 2.58
CA LEU B 88 -24.97 13.71 1.70
C LEU B 88 -26.00 14.52 2.47
N VAL B 89 -26.25 14.10 3.72
CA VAL B 89 -27.11 14.89 4.60
C VAL B 89 -26.50 16.28 4.82
N ALA B 90 -25.20 16.37 5.03
CA ALA B 90 -24.56 17.66 5.28
C ALA B 90 -24.65 18.53 4.03
N ARG B 91 -24.69 17.92 2.85
CA ARG B 91 -24.77 18.70 1.61
C ARG B 91 -26.19 19.11 1.29
N GLY B 92 -27.16 18.61 2.07
CA GLY B 92 -28.56 18.84 1.73
C GLY B 92 -29.13 17.92 0.68
N GLU B 93 -28.41 16.90 0.23
CA GLU B 93 -28.95 15.96 -0.74
C GLU B 93 -29.78 14.83 -0.13
N LEU B 94 -29.62 14.59 1.16
CA LEU B 94 -30.51 13.71 1.92
C LEU B 94 -30.98 14.51 3.14
N ALA B 95 -32.00 14.04 3.84
CA ALA B 95 -32.40 14.67 5.09
C ALA B 95 -32.81 13.54 6.04
N LEU B 96 -32.48 13.69 7.31
CA LEU B 96 -32.76 12.61 8.27
C LEU B 96 -34.24 12.28 8.36
N ASP B 97 -35.09 13.28 8.17
CA ASP B 97 -36.51 13.02 8.36
C ASP B 97 -37.23 12.72 7.06
N ALA B 98 -36.50 12.57 5.97
CA ALA B 98 -37.16 12.32 4.68
C ALA B 98 -37.61 10.88 4.54
N PRO B 99 -38.74 10.63 3.89
CA PRO B 99 -39.20 9.29 3.57
C PRO B 99 -38.21 8.59 2.65
N VAL B 100 -37.93 7.33 2.95
CA VAL B 100 -37.00 6.60 2.10
C VAL B 100 -37.57 6.46 0.69
N THR B 101 -38.89 6.55 0.54
CA THR B 101 -39.52 6.36 -0.76
C THR B 101 -39.18 7.50 -1.71
N ARG B 102 -38.57 8.58 -1.20
CA ARG B 102 -38.17 9.64 -2.13
C ARG B 102 -37.05 9.17 -3.06
N TRP B 103 -36.26 8.19 -2.64
CA TRP B 103 -35.21 7.60 -3.46
C TRP B 103 -35.54 6.20 -3.93
N LEU B 104 -36.27 5.44 -3.14
CA LEU B 104 -36.70 4.08 -3.48
C LEU B 104 -38.23 4.01 -3.49
N PRO B 105 -38.87 4.43 -4.57
CA PRO B 105 -40.33 4.56 -4.64
C PRO B 105 -41.14 3.30 -4.33
N GLU B 106 -40.51 2.13 -4.48
CA GLU B 106 -41.21 0.86 -4.25
C GLU B 106 -40.80 0.19 -2.96
N PHE B 107 -39.90 0.81 -2.20
CA PHE B 107 -39.52 0.23 -0.91
C PHE B 107 -40.50 0.68 0.18
N ARG B 108 -41.59 -0.05 0.29
CA ARG B 108 -42.72 0.26 1.18
C ARG B 108 -43.06 -0.95 2.04
N PRO B 109 -42.16 -1.34 2.93
CA PRO B 109 -42.47 -2.49 3.81
C PRO B 109 -43.72 -2.19 4.65
N ARG B 110 -44.52 -3.23 4.93
CA ARG B 110 -45.69 -3.09 5.79
C ARG B 110 -45.52 -3.73 7.15
N LEU B 111 -46.27 -3.25 8.14
CA LEU B 111 -46.40 -3.84 9.46
C LEU B 111 -47.12 -5.19 9.40
N ALA B 112 -47.17 -5.88 10.53
CA ALA B 112 -47.85 -7.19 10.54
C ALA B 112 -49.32 -7.04 10.23
N ASP B 113 -49.92 -5.88 10.54
CA ASP B 113 -51.36 -5.75 10.27
C ASP B 113 -51.63 -5.37 8.82
N GLY B 114 -50.61 -5.32 7.95
CA GLY B 114 -50.90 -4.98 6.56
C GLY B 114 -50.76 -3.52 6.19
N SER B 115 -50.68 -2.61 7.17
CA SER B 115 -50.63 -1.18 6.88
C SER B 115 -49.20 -0.71 6.68
N GLU B 116 -49.03 0.40 5.97
CA GLU B 116 -47.71 0.92 5.58
C GLU B 116 -47.29 2.15 6.37
N PRO B 117 -46.28 2.04 7.22
CA PRO B 117 -45.76 3.18 7.95
C PRO B 117 -44.73 4.01 7.20
N LEU B 118 -44.47 5.20 7.71
CA LEU B 118 -43.37 6.02 7.19
C LEU B 118 -42.03 5.50 7.70
N VAL B 119 -41.04 5.36 6.81
CA VAL B 119 -39.69 4.95 7.19
C VAL B 119 -38.70 6.04 6.79
N THR B 120 -38.04 6.69 7.75
CA THR B 120 -37.16 7.80 7.42
C THR B 120 -35.69 7.39 7.36
N ILE B 121 -34.86 8.29 6.82
CA ILE B 121 -33.41 8.01 6.80
C ILE B 121 -32.90 7.80 8.22
N HIS B 122 -33.30 8.61 9.18
CA HIS B 122 -33.02 8.43 10.60
C HIS B 122 -33.36 7.03 11.12
N HIS B 123 -34.56 6.55 10.79
CA HIS B 123 -34.97 5.20 11.22
C HIS B 123 -33.99 4.12 10.77
N LEU B 124 -33.55 4.29 9.50
CA LEU B 124 -32.61 3.34 8.92
C LEU B 124 -31.22 3.43 9.52
N LEU B 125 -30.64 4.62 9.69
CA LEU B 125 -29.29 4.72 10.28
C LEU B 125 -29.22 4.16 11.69
N THR B 126 -30.32 4.24 12.44
CA THR B 126 -30.32 3.82 13.84
C THR B 126 -30.76 2.37 14.02
N HIS B 127 -31.09 1.66 12.94
CA HIS B 127 -31.65 0.31 13.02
C HIS B 127 -32.92 0.30 13.88
N THR B 128 -33.75 1.32 13.72
CA THR B 128 -35.02 1.34 14.44
C THR B 128 -36.22 1.28 13.50
N SER B 129 -35.99 0.93 12.23
CA SER B 129 -37.05 0.88 11.24
C SER B 129 -37.94 -0.34 11.37
N GLY B 130 -37.51 -1.42 12.01
CA GLY B 130 -38.32 -2.65 12.04
C GLY B 130 -37.82 -3.72 11.11
N LEU B 131 -36.88 -3.40 10.22
CA LEU B 131 -36.22 -4.37 9.36
C LEU B 131 -35.37 -5.32 10.20
N GLY B 132 -35.03 -6.46 9.64
CA GLY B 132 -34.20 -7.46 10.30
C GLY B 132 -33.09 -7.94 9.37
N TYR B 133 -32.65 -9.17 9.62
CA TYR B 133 -31.56 -9.83 8.94
C TYR B 133 -31.89 -11.33 8.89
N TRP B 134 -31.45 -12.02 7.86
CA TRP B 134 -31.58 -13.48 7.85
C TRP B 134 -30.93 -14.07 9.09
N LEU B 135 -29.74 -13.55 9.43
CA LEU B 135 -28.97 -14.21 10.49
C LEU B 135 -29.67 -14.21 11.83
N LEU B 136 -30.70 -13.37 12.01
CA LEU B 136 -31.38 -13.31 13.30
C LEU B 136 -31.99 -14.66 13.71
N GLU B 137 -32.49 -15.44 12.76
CA GLU B 137 -33.22 -16.68 12.99
C GLU B 137 -32.95 -17.74 11.94
N GLY B 138 -32.30 -17.45 10.83
CA GLY B 138 -31.78 -18.47 9.93
C GLY B 138 -32.80 -19.35 9.24
N ALA B 139 -32.41 -20.58 8.93
CA ALA B 139 -33.23 -21.48 8.13
C ALA B 139 -34.67 -21.60 8.63
N GLY B 140 -35.58 -21.62 7.67
CA GLY B 140 -37.00 -21.72 7.88
C GLY B 140 -37.67 -20.47 8.41
N SER B 141 -36.92 -19.39 8.61
CA SER B 141 -37.52 -18.12 9.01
C SER B 141 -38.20 -17.44 7.84
N VAL B 142 -38.92 -16.36 8.17
CA VAL B 142 -39.56 -15.54 7.14
C VAL B 142 -38.58 -15.16 6.04
N TYR B 143 -37.49 -14.54 6.52
CA TYR B 143 -36.47 -14.05 5.57
C TYR B 143 -35.95 -15.21 4.74
N ASP B 144 -35.80 -16.36 5.39
CA ASP B 144 -35.39 -17.56 4.66
C ASP B 144 -36.40 -17.92 3.59
N ARG B 145 -37.70 -17.99 3.92
CA ARG B 145 -38.72 -18.32 2.95
C ARG B 145 -38.79 -17.36 1.78
N LEU B 146 -38.37 -16.12 2.04
CA LEU B 146 -38.48 -15.02 1.09
C LEU B 146 -37.19 -14.86 0.29
N GLY B 147 -36.13 -15.53 0.73
CA GLY B 147 -34.90 -15.57 -0.06
C GLY B 147 -34.08 -14.31 0.09
N ILE B 148 -34.21 -13.69 1.25
CA ILE B 148 -33.49 -12.43 1.53
C ILE B 148 -32.03 -12.66 1.95
N SER B 149 -31.12 -11.94 1.29
CA SER B 149 -29.70 -12.12 1.51
C SER B 149 -29.16 -11.08 2.50
N ASP B 150 -28.26 -11.49 3.37
CA ASP B 150 -27.62 -10.59 4.32
C ASP B 150 -26.39 -9.94 3.74
N GLY B 151 -26.04 -10.28 2.50
CA GLY B 151 -24.98 -9.60 1.82
C GLY B 151 -23.58 -10.16 2.01
N ILE B 152 -23.44 -11.29 2.68
CA ILE B 152 -22.16 -11.95 2.91
C ILE B 152 -21.99 -13.16 1.99
N ASP B 153 -23.12 -13.77 1.62
CA ASP B 153 -23.15 -14.88 0.67
C ASP B 153 -23.19 -14.38 -0.78
N LEU B 154 -23.11 -15.27 -1.77
CA LEU B 154 -23.05 -14.85 -3.17
C LEU B 154 -24.33 -15.31 -3.84
N ARG B 155 -25.12 -14.40 -4.39
CA ARG B 155 -26.41 -14.78 -4.96
C ARG B 155 -26.57 -14.24 -6.36
N ASP B 156 -27.37 -14.91 -7.18
CA ASP B 156 -27.49 -14.50 -8.58
C ASP B 156 -28.65 -13.53 -8.79
N PHE B 157 -28.55 -12.35 -8.20
CA PHE B 157 -29.54 -11.28 -8.37
C PHE B 157 -28.93 -9.99 -7.86
N ASP B 158 -29.52 -8.84 -8.17
CA ASP B 158 -28.82 -7.58 -7.83
C ASP B 158 -29.42 -6.98 -6.56
N LEU B 159 -28.96 -5.80 -6.19
CA LEU B 159 -29.41 -5.12 -4.99
C LEU B 159 -30.92 -4.82 -5.07
N ASP B 160 -31.38 -4.33 -6.22
CA ASP B 160 -32.80 -4.01 -6.39
C ASP B 160 -33.68 -5.23 -6.08
N GLU B 161 -33.29 -6.41 -6.56
CA GLU B 161 -34.04 -7.65 -6.30
C GLU B 161 -33.99 -8.05 -4.83
N ASN B 162 -32.83 -7.95 -4.17
CA ASN B 162 -32.84 -8.23 -2.73
C ASN B 162 -33.76 -7.28 -1.98
N LEU B 163 -33.79 -6.00 -2.39
CA LEU B 163 -34.61 -5.04 -1.63
C LEU B 163 -36.10 -5.23 -1.89
N ARG B 164 -36.44 -5.73 -3.07
CA ARG B 164 -37.83 -6.06 -3.40
C ARG B 164 -38.28 -7.17 -2.46
N ARG B 165 -37.42 -8.18 -2.31
CA ARG B 165 -37.68 -9.30 -1.43
C ARG B 165 -37.82 -8.81 0.02
N LEU B 166 -36.87 -7.97 0.45
CA LEU B 166 -36.92 -7.42 1.79
C LEU B 166 -38.23 -6.68 2.03
N ALA B 167 -38.66 -5.91 1.03
CA ALA B 167 -39.83 -5.05 1.23
C ALA B 167 -41.10 -5.89 1.30
N SER B 168 -41.03 -7.10 0.79
CA SER B 168 -42.19 -7.99 0.87
C SER B 168 -42.29 -8.63 2.25
N ALA B 169 -41.27 -8.50 3.11
CA ALA B 169 -41.42 -9.06 4.44
C ALA B 169 -42.10 -8.08 5.40
N PRO B 170 -42.84 -8.59 6.37
CA PRO B 170 -43.42 -7.74 7.40
C PRO B 170 -42.38 -7.13 8.31
N LEU B 171 -42.59 -5.88 8.70
CA LEU B 171 -41.71 -5.22 9.68
C LEU B 171 -41.85 -5.95 11.01
N SER B 172 -40.84 -5.95 11.87
CA SER B 172 -40.89 -6.61 13.16
C SER B 172 -41.65 -5.74 14.15
N PHE B 173 -41.65 -4.43 13.95
CA PHE B 173 -42.36 -3.50 14.83
C PHE B 173 -42.47 -2.16 14.09
N ALA B 174 -43.26 -1.23 14.60
CA ALA B 174 -43.38 0.06 13.95
C ALA B 174 -42.09 0.86 14.04
N PRO B 175 -41.69 1.49 12.94
CA PRO B 175 -40.52 2.37 12.96
C PRO B 175 -40.48 3.30 14.16
N GLY B 176 -39.32 3.31 14.82
CA GLY B 176 -39.09 4.18 15.95
C GLY B 176 -39.54 3.56 17.26
N SER B 177 -40.24 2.43 17.24
CA SER B 177 -40.73 1.89 18.51
C SER B 177 -39.87 0.77 19.07
N GLY B 178 -38.76 0.45 18.41
CA GLY B 178 -37.88 -0.63 18.87
C GLY B 178 -36.50 -0.51 18.23
N TRP B 179 -35.57 -1.36 18.63
CA TRP B 179 -34.24 -1.46 18.01
C TRP B 179 -33.99 -2.89 17.56
N GLN B 180 -33.53 -3.10 16.33
CA GLN B 180 -33.20 -4.45 15.89
C GLN B 180 -32.15 -4.42 14.78
N TYR B 181 -31.07 -5.17 14.89
CA TYR B 181 -30.01 -5.06 13.86
C TYR B 181 -30.53 -5.51 12.52
N SER B 182 -30.11 -4.82 11.43
CA SER B 182 -30.87 -4.99 10.19
C SER B 182 -30.15 -4.69 8.90
N LEU B 183 -30.87 -5.00 7.81
CA LEU B 183 -30.45 -4.65 6.46
C LEU B 183 -30.60 -3.17 6.13
N ALA B 184 -30.79 -2.29 7.11
CA ALA B 184 -30.99 -0.85 6.85
C ALA B 184 -29.84 -0.23 6.08
N LEU B 185 -28.61 -0.69 6.30
CA LEU B 185 -27.49 -0.03 5.59
C LEU B 185 -27.39 -0.52 4.15
N ASP B 186 -27.93 -1.69 3.84
CA ASP B 186 -28.06 -2.14 2.46
C ASP B 186 -29.13 -1.33 1.72
N VAL B 187 -30.23 -1.04 2.42
CA VAL B 187 -31.20 -0.07 1.89
C VAL B 187 -30.58 1.30 1.66
N LEU B 188 -29.86 1.81 2.66
CA LEU B 188 -29.20 3.12 2.50
C LEU B 188 -28.16 3.11 1.38
N GLY B 189 -27.53 1.97 1.10
CA GLY B 189 -26.63 1.88 -0.04
C GLY B 189 -27.37 2.22 -1.33
N ALA B 190 -28.56 1.65 -1.48
CA ALA B 190 -29.34 1.94 -2.69
C ALA B 190 -29.77 3.39 -2.77
N VAL B 191 -30.13 3.94 -1.59
CA VAL B 191 -30.46 5.37 -1.51
C VAL B 191 -29.30 6.23 -1.98
N VAL B 192 -28.09 5.94 -1.49
CA VAL B 192 -26.90 6.67 -1.93
C VAL B 192 -26.73 6.61 -3.45
N GLU B 193 -26.92 5.42 -4.04
CA GLU B 193 -26.83 5.32 -5.50
C GLU B 193 -27.83 6.25 -6.19
N ARG B 194 -29.07 6.28 -5.69
CA ARG B 194 -30.04 7.16 -6.34
C ARG B 194 -29.73 8.61 -6.11
N ALA B 195 -29.26 9.03 -4.93
CA ALA B 195 -28.97 10.43 -4.68
C ALA B 195 -27.80 10.99 -5.49
N THR B 196 -26.80 10.16 -5.71
CA THR B 196 -25.56 10.46 -6.39
C THR B 196 -25.62 10.14 -7.88
N GLY B 197 -26.50 9.23 -8.28
CA GLY B 197 -26.51 8.78 -9.66
C GLY B 197 -25.24 8.01 -10.00
N GLN B 198 -24.59 7.40 -9.01
CA GLN B 198 -23.38 6.62 -9.23
C GLN B 198 -23.54 5.23 -8.66
N PRO B 199 -22.82 4.22 -9.13
CA PRO B 199 -22.79 2.94 -8.40
C PRO B 199 -22.23 3.15 -6.99
N LEU B 200 -22.61 2.30 -6.05
CA LEU B 200 -22.23 2.56 -4.66
C LEU B 200 -20.71 2.63 -4.47
N ALA B 201 -19.93 1.81 -5.17
CA ALA B 201 -18.47 1.87 -5.00
C ALA B 201 -17.97 3.27 -5.33
N ALA B 202 -18.40 3.81 -6.45
CA ALA B 202 -17.96 5.14 -6.83
C ALA B 202 -18.45 6.24 -5.89
N ALA B 203 -19.69 6.17 -5.42
CA ALA B 203 -20.19 7.19 -4.49
C ALA B 203 -19.40 7.16 -3.19
N VAL B 204 -19.11 5.96 -2.67
CA VAL B 204 -18.37 5.88 -1.40
C VAL B 204 -16.99 6.47 -1.59
N ASP B 205 -16.40 6.17 -2.75
CA ASP B 205 -15.08 6.74 -3.06
C ASP B 205 -15.10 8.26 -3.05
N ALA B 206 -16.14 8.84 -3.66
CA ALA B 206 -16.21 10.28 -3.82
C ALA B 206 -16.50 10.94 -2.48
N LEU B 207 -17.45 10.38 -1.75
CA LEU B 207 -17.96 10.97 -0.52
C LEU B 207 -17.08 10.71 0.70
N VAL B 208 -16.38 9.59 0.73
CA VAL B 208 -15.59 9.25 1.92
C VAL B 208 -14.15 8.88 1.63
N ALA B 209 -13.89 7.87 0.81
CA ALA B 209 -12.55 7.31 0.71
C ALA B 209 -11.54 8.31 0.16
N GLN B 210 -11.84 8.98 -0.95
CA GLN B 210 -10.91 9.97 -1.49
C GLN B 210 -10.64 11.10 -0.52
N PRO B 211 -11.65 11.78 0.02
CA PRO B 211 -11.38 12.88 0.93
C PRO B 211 -10.56 12.43 2.13
N LEU B 212 -10.73 11.18 2.57
CA LEU B 212 -9.98 10.76 3.76
C LEU B 212 -8.66 10.08 3.41
N GLY B 213 -8.33 9.96 2.12
CA GLY B 213 -7.08 9.32 1.75
C GLY B 213 -7.08 7.81 1.83
N MET B 214 -8.26 7.18 1.81
CA MET B 214 -8.37 5.72 1.83
C MET B 214 -8.25 5.18 0.40
N ARG B 215 -7.09 4.69 0.04
CA ARG B 215 -6.76 4.25 -1.31
C ARG B 215 -6.86 2.75 -1.48
N ASP B 216 -7.03 2.02 -0.37
CA ASP B 216 -6.98 0.56 -0.55
C ASP B 216 -8.27 -0.09 -0.11
N CYS B 217 -9.40 0.45 -0.55
CA CYS B 217 -10.67 -0.12 -0.10
C CYS B 217 -11.64 -0.10 -1.28
N GLY B 218 -12.76 -0.79 -1.21
CA GLY B 218 -13.70 -0.79 -2.34
C GLY B 218 -14.70 -1.92 -2.14
N PHE B 219 -15.39 -2.35 -3.18
CA PHE B 219 -16.38 -3.42 -3.05
C PHE B 219 -16.00 -4.68 -3.83
N VAL B 220 -15.24 -4.50 -4.92
CA VAL B 220 -14.78 -5.64 -5.74
C VAL B 220 -13.27 -5.51 -6.00
N SER B 221 -12.53 -6.57 -5.77
CA SER B 221 -11.08 -6.56 -6.00
C SER B 221 -10.68 -7.57 -7.07
N ALA B 222 -9.58 -7.29 -7.78
CA ALA B 222 -9.03 -8.27 -8.70
C ALA B 222 -7.67 -8.79 -8.25
N GLU B 223 -7.33 -8.60 -6.97
CA GLU B 223 -6.04 -9.01 -6.44
C GLU B 223 -6.14 -9.95 -5.23
N PRO B 224 -6.56 -11.19 -5.44
CA PRO B 224 -6.68 -12.14 -4.36
C PRO B 224 -5.40 -12.39 -3.57
N GLU B 225 -4.24 -12.19 -4.15
CA GLU B 225 -2.98 -12.47 -3.47
C GLU B 225 -2.67 -11.49 -2.34
N ARG B 226 -3.43 -10.41 -2.28
CA ARG B 226 -3.27 -9.38 -1.25
C ARG B 226 -4.16 -9.64 -0.04
N PHE B 227 -5.05 -10.63 -0.13
CA PHE B 227 -6.04 -10.86 0.90
C PHE B 227 -5.66 -11.86 1.98
N ALA B 228 -6.22 -11.60 3.15
CA ALA B 228 -6.44 -12.50 4.26
C ALA B 228 -7.51 -13.52 3.83
N VAL B 229 -7.07 -14.76 3.82
CA VAL B 229 -7.92 -15.91 3.55
C VAL B 229 -8.82 -16.20 4.73
N PRO B 230 -10.14 -16.24 4.56
CA PRO B 230 -11.00 -16.49 5.71
C PRO B 230 -11.06 -17.97 6.15
N TYR B 231 -11.07 -18.12 7.46
CA TYR B 231 -11.19 -19.29 8.30
C TYR B 231 -12.35 -19.07 9.27
N HIS B 232 -12.93 -20.18 9.73
CA HIS B 232 -13.85 -20.12 10.85
C HIS B 232 -13.34 -21.07 11.93
N ASP B 233 -13.78 -20.82 13.15
CA ASP B 233 -13.40 -21.60 14.31
C ASP B 233 -13.56 -23.09 14.00
N GLY B 234 -12.70 -23.93 14.57
CA GLY B 234 -12.79 -25.36 14.33
C GLY B 234 -11.79 -26.13 15.18
N GLN B 235 -11.70 -27.42 14.90
CA GLN B 235 -10.81 -28.36 15.56
C GLN B 235 -10.24 -29.41 14.60
N PRO B 236 -9.01 -29.83 14.86
CA PRO B 236 -8.17 -29.23 15.90
C PRO B 236 -7.52 -27.93 15.43
N GLU B 237 -8.04 -27.39 14.34
CA GLU B 237 -7.58 -26.11 13.82
C GLU B 237 -8.66 -25.46 12.95
N PRO B 238 -8.71 -24.13 12.96
CA PRO B 238 -9.57 -23.39 12.04
C PRO B 238 -9.65 -23.96 10.64
N VAL B 239 -10.88 -23.90 10.10
CA VAL B 239 -11.18 -24.41 8.79
C VAL B 239 -11.18 -23.29 7.74
N ARG B 240 -10.54 -23.55 6.60
CA ARG B 240 -10.54 -22.66 5.45
C ARG B 240 -11.91 -22.59 4.77
N MET B 241 -12.48 -21.40 4.68
CA MET B 241 -13.85 -21.26 4.19
C MET B 241 -13.97 -21.56 2.71
N ARG B 242 -15.12 -22.08 2.29
CA ARG B 242 -15.34 -22.09 0.85
C ARG B 242 -16.73 -21.53 0.58
N ASP B 243 -17.05 -21.17 -0.65
CA ASP B 243 -18.37 -20.52 -0.83
C ASP B 243 -19.49 -21.44 -0.38
N GLY B 244 -20.64 -20.89 0.03
CA GLY B 244 -21.80 -21.73 0.31
C GLY B 244 -21.95 -22.19 1.74
N ILE B 245 -20.93 -22.00 2.56
CA ILE B 245 -20.92 -22.55 3.92
C ILE B 245 -21.77 -21.77 4.91
N GLU B 246 -22.39 -22.50 5.83
CA GLU B 246 -23.21 -21.92 6.88
C GLU B 246 -22.57 -22.12 8.27
N VAL B 247 -22.12 -21.04 8.89
CA VAL B 247 -21.44 -21.09 10.18
C VAL B 247 -22.35 -20.56 11.28
N PRO B 248 -22.63 -21.38 12.28
CA PRO B 248 -23.60 -20.99 13.33
C PRO B 248 -23.07 -19.90 14.24
N LEU B 249 -23.93 -18.95 14.60
CA LEU B 249 -23.48 -17.91 15.52
C LEU B 249 -23.51 -18.36 16.98
N PRO B 250 -22.74 -17.70 17.84
CA PRO B 250 -22.66 -18.10 19.24
C PRO B 250 -24.00 -18.01 19.96
N GLU B 251 -23.93 -18.17 21.28
CA GLU B 251 -25.10 -18.01 22.13
C GLU B 251 -25.44 -16.52 22.28
N GLY B 252 -26.61 -16.15 21.79
CA GLY B 252 -27.14 -14.80 21.90
C GLY B 252 -26.63 -13.88 20.82
N HIS B 253 -26.31 -14.45 19.66
CA HIS B 253 -25.80 -13.59 18.59
C HIS B 253 -26.56 -13.79 17.29
N GLY B 254 -27.45 -14.78 17.29
CA GLY B 254 -28.26 -15.12 16.14
C GLY B 254 -28.13 -16.58 15.74
N ALA B 255 -28.85 -16.97 14.69
CA ALA B 255 -28.77 -18.31 14.14
C ALA B 255 -27.40 -18.56 13.51
N ALA B 256 -27.24 -18.09 12.27
CA ALA B 256 -26.02 -18.36 11.54
C ALA B 256 -25.74 -17.30 10.47
N VAL B 257 -24.61 -17.49 9.80
CA VAL B 257 -24.14 -16.69 8.69
C VAL B 257 -23.73 -17.59 7.54
N ARG B 258 -24.12 -17.23 6.33
CA ARG B 258 -23.75 -17.96 5.13
C ARG B 258 -22.70 -17.17 4.35
N PHE B 259 -21.50 -17.73 4.29
CA PHE B 259 -20.30 -17.03 3.81
C PHE B 259 -19.95 -17.38 2.38
N ALA B 260 -19.48 -16.39 1.62
CA ALA B 260 -18.88 -16.61 0.31
C ALA B 260 -17.57 -15.84 0.21
N PRO B 261 -16.45 -16.45 0.60
CA PRO B 261 -15.15 -15.76 0.43
C PRO B 261 -14.91 -15.26 -0.98
N SER B 262 -15.54 -15.84 -2.01
CA SER B 262 -15.26 -15.38 -3.36
C SER B 262 -16.04 -14.14 -3.76
N ARG B 263 -16.95 -13.70 -2.90
CA ARG B 263 -17.81 -12.58 -3.29
C ARG B 263 -17.02 -11.33 -3.62
N VAL B 264 -15.95 -11.11 -2.86
CA VAL B 264 -15.18 -9.87 -3.03
C VAL B 264 -14.55 -9.84 -4.41
N PHE B 265 -14.39 -11.01 -5.04
CA PHE B 265 -13.77 -10.95 -6.36
C PHE B 265 -14.75 -11.03 -7.51
N GLU B 266 -16.06 -11.04 -7.26
CA GLU B 266 -17.05 -11.18 -8.33
C GLU B 266 -17.69 -9.87 -8.73
N PRO B 267 -17.46 -9.34 -9.92
CA PRO B 267 -18.02 -8.05 -10.31
C PRO B 267 -19.55 -8.05 -10.27
N GLY B 268 -20.18 -9.21 -10.37
CA GLY B 268 -21.64 -9.27 -10.36
C GLY B 268 -22.24 -9.41 -8.97
N ALA B 269 -21.43 -9.37 -7.92
CA ALA B 269 -21.90 -9.31 -6.53
C ALA B 269 -22.47 -7.94 -6.23
N TYR B 270 -23.75 -7.81 -5.85
CA TYR B 270 -24.26 -6.45 -5.68
C TYR B 270 -23.57 -5.75 -4.52
N PRO B 271 -23.39 -4.43 -4.59
CA PRO B 271 -22.77 -3.72 -3.46
C PRO B 271 -23.66 -3.73 -2.22
N SER B 272 -23.13 -4.29 -1.14
CA SER B 272 -23.90 -4.38 0.10
C SER B 272 -23.41 -3.31 1.06
N GLY B 273 -24.23 -2.28 1.28
CA GLY B 273 -23.83 -1.23 2.20
C GLY B 273 -23.62 -1.65 3.64
N GLY B 274 -24.17 -2.80 4.03
CA GLY B 274 -24.02 -3.33 5.37
C GLY B 274 -22.91 -4.35 5.58
N ALA B 275 -22.35 -4.92 4.54
CA ALA B 275 -21.41 -6.04 4.64
C ALA B 275 -20.41 -6.21 3.52
N GLY B 276 -20.43 -5.32 2.53
CA GLY B 276 -19.82 -5.65 1.26
C GLY B 276 -18.48 -5.10 0.91
N MET B 277 -17.81 -4.33 1.78
CA MET B 277 -16.53 -3.74 1.38
C MET B 277 -15.32 -4.58 1.75
N TYR B 278 -14.19 -4.20 1.16
CA TYR B 278 -12.90 -4.71 1.56
C TYR B 278 -12.05 -3.50 1.96
N GLY B 279 -10.99 -3.72 2.73
CA GLY B 279 -10.05 -2.62 2.99
C GLY B 279 -8.85 -3.07 3.78
N SER B 280 -7.83 -2.22 3.87
CA SER B 280 -6.71 -2.49 4.76
C SER B 280 -6.96 -1.95 6.16
N ALA B 281 -6.19 -2.41 7.14
CA ALA B 281 -6.25 -1.87 8.48
C ALA B 281 -6.00 -0.36 8.55
N ASP B 282 -5.00 0.14 7.81
CA ASP B 282 -4.72 1.55 7.79
C ASP B 282 -5.93 2.35 7.26
N ASP B 283 -6.66 1.83 6.28
CA ASP B 283 -7.77 2.59 5.70
C ASP B 283 -8.94 2.64 6.67
N VAL B 284 -9.20 1.49 7.31
CA VAL B 284 -10.29 1.50 8.31
C VAL B 284 -9.96 2.48 9.43
N LEU B 285 -8.70 2.47 9.88
CA LEU B 285 -8.28 3.43 10.91
C LEU B 285 -8.50 4.85 10.43
N ARG B 286 -8.29 5.14 9.14
CA ARG B 286 -8.53 6.51 8.71
C ARG B 286 -10.01 6.87 8.90
N ALA B 287 -10.90 5.91 8.65
CA ALA B 287 -12.32 6.22 8.85
C ALA B 287 -12.64 6.37 10.35
N LEU B 288 -12.07 5.53 11.20
CA LEU B 288 -12.39 5.59 12.64
C LEU B 288 -11.87 6.89 13.24
N GLU B 289 -10.68 7.31 12.80
CA GLU B 289 -10.13 8.58 13.26
C GLU B 289 -10.95 9.78 12.82
N ALA B 290 -11.50 9.77 11.60
CA ALA B 290 -12.33 10.85 11.12
C ALA B 290 -13.60 10.93 11.95
N ILE B 291 -14.07 9.74 12.29
CA ILE B 291 -15.24 9.70 13.17
C ILE B 291 -14.86 10.23 14.55
N ARG B 292 -13.71 9.77 15.08
CA ARG B 292 -13.31 10.18 16.42
C ARG B 292 -13.07 11.67 16.52
N ALA B 293 -12.31 12.20 15.56
CA ALA B 293 -11.76 13.55 15.64
C ALA B 293 -12.46 14.60 14.79
N ASN B 294 -13.31 14.25 13.85
CA ASN B 294 -14.07 15.10 12.95
C ASN B 294 -13.32 16.37 12.56
N PRO B 295 -12.22 16.20 11.85
CA PRO B 295 -11.45 17.34 11.36
C PRO B 295 -12.15 18.09 10.24
N GLY B 296 -13.37 18.59 10.50
CA GLY B 296 -14.12 19.31 9.50
C GLY B 296 -14.71 18.41 8.43
N PHE B 297 -14.92 17.14 8.75
CA PHE B 297 -15.43 16.18 7.77
C PHE B 297 -16.94 16.24 7.71
N LEU B 298 -17.57 16.51 8.85
CA LEU B 298 -19.02 16.71 8.95
C LEU B 298 -19.32 17.99 9.73
N PRO B 299 -20.48 18.60 9.53
CA PRO B 299 -20.89 19.71 10.42
C PRO B 299 -20.89 19.23 11.87
N GLU B 300 -20.55 20.11 12.80
CA GLU B 300 -20.32 19.72 14.19
C GLU B 300 -21.56 19.15 14.85
N THR B 301 -22.72 19.75 14.57
CA THR B 301 -23.93 19.23 15.22
C THR B 301 -24.32 17.87 14.67
N LEU B 302 -24.13 17.67 13.35
CA LEU B 302 -24.44 16.36 12.77
C LEU B 302 -23.49 15.28 13.25
N ALA B 303 -22.19 15.59 13.33
CA ALA B 303 -21.18 14.69 13.89
C ALA B 303 -21.48 14.33 15.34
N ASP B 304 -21.92 15.33 16.11
CA ASP B 304 -22.21 15.01 17.52
C ASP B 304 -23.40 14.06 17.63
N ALA B 305 -24.46 14.34 16.87
CA ALA B 305 -25.64 13.48 16.83
C ALA B 305 -25.30 12.03 16.46
N ALA B 306 -24.43 11.88 15.45
CA ALA B 306 -24.09 10.55 14.98
C ALA B 306 -23.35 9.71 16.01
N ARG B 307 -22.72 10.38 16.96
CA ARG B 307 -21.91 9.69 17.95
C ARG B 307 -22.63 9.56 19.29
N ARG B 308 -23.83 10.09 19.38
CA ARG B 308 -24.65 10.10 20.59
C ARG B 308 -25.63 8.95 20.56
N ASP B 309 -26.03 8.37 21.69
CA ASP B 309 -27.01 7.29 21.57
C ASP B 309 -28.35 7.82 21.06
N GLN B 310 -28.84 7.27 19.95
CA GLN B 310 -30.09 7.63 19.33
C GLN B 310 -31.14 6.53 19.51
N ALA B 311 -30.81 5.47 20.25
CA ALA B 311 -31.71 4.36 20.46
C ALA B 311 -32.16 4.16 21.90
N GLY B 312 -31.31 4.36 22.90
CA GLY B 312 -31.60 4.11 24.30
C GLY B 312 -30.85 2.96 24.91
N VAL B 313 -30.54 3.03 26.22
CA VAL B 313 -29.80 1.88 26.78
C VAL B 313 -30.63 0.61 26.71
N GLY B 314 -31.96 0.81 26.66
CA GLY B 314 -32.86 -0.33 26.60
C GLY B 314 -32.56 -1.22 25.42
N ALA B 315 -31.95 -0.68 24.36
CA ALA B 315 -31.59 -1.41 23.15
C ALA B 315 -30.61 -2.57 23.39
N GLU B 316 -29.67 -2.44 24.32
CA GLU B 316 -28.67 -3.46 24.64
C GLU B 316 -28.06 -4.08 23.39
N THR B 317 -27.56 -3.23 22.50
CA THR B 317 -27.10 -3.66 21.18
C THR B 317 -25.91 -4.60 21.20
N ARG B 318 -25.15 -4.60 22.29
CA ARG B 318 -24.09 -5.58 22.54
C ARG B 318 -24.17 -5.99 24.02
N GLY B 319 -25.40 -6.08 24.49
CA GLY B 319 -25.77 -6.37 25.87
C GLY B 319 -26.16 -5.11 26.61
N PRO B 320 -26.39 -5.24 27.91
CA PRO B 320 -26.65 -4.09 28.78
C PRO B 320 -25.56 -3.02 28.75
N GLY B 321 -26.02 -1.79 28.80
CA GLY B 321 -25.30 -0.55 28.93
C GLY B 321 -24.98 0.14 27.62
N TRP B 322 -25.47 -0.41 26.51
CA TRP B 322 -25.15 0.14 25.20
C TRP B 322 -26.36 0.60 24.41
N GLY B 323 -26.39 1.83 23.95
CA GLY B 323 -27.30 2.28 22.92
C GLY B 323 -26.74 2.22 21.51
N PHE B 324 -27.23 3.09 20.63
CA PHE B 324 -26.82 3.07 19.22
C PHE B 324 -27.00 4.46 18.63
N GLY B 325 -26.01 4.93 17.86
CA GLY B 325 -26.11 6.24 17.22
C GLY B 325 -26.34 6.13 15.72
N TYR B 326 -25.56 6.81 14.89
CA TYR B 326 -25.74 6.69 13.44
C TYR B 326 -24.66 5.81 12.82
N LEU B 327 -23.74 5.30 13.62
CA LEU B 327 -22.53 4.63 13.15
C LEU B 327 -22.17 3.31 13.83
N SER B 328 -22.70 3.04 15.01
CA SER B 328 -22.20 1.99 15.86
C SER B 328 -22.98 1.95 17.18
N ALA B 329 -22.63 0.98 18.02
CA ALA B 329 -23.16 1.04 19.39
C ALA B 329 -22.53 2.22 20.13
N VAL B 330 -23.15 2.69 21.20
CA VAL B 330 -22.62 3.77 22.02
C VAL B 330 -22.66 3.33 23.48
N LEU B 331 -21.53 3.37 24.17
CA LEU B 331 -21.47 2.95 25.57
C LEU B 331 -22.18 3.93 26.48
N ASP B 332 -23.26 3.44 27.11
CA ASP B 332 -23.96 4.34 28.03
C ASP B 332 -23.54 4.02 29.47
N ASP B 333 -23.41 2.76 29.81
CA ASP B 333 -23.15 2.30 31.18
C ASP B 333 -22.06 1.25 31.28
N PRO B 334 -20.83 1.74 31.50
CA PRO B 334 -19.67 0.85 31.57
C PRO B 334 -19.80 -0.23 32.64
N ALA B 335 -20.25 0.16 33.84
CA ALA B 335 -20.44 -0.90 34.83
C ALA B 335 -21.48 -1.90 34.36
N ALA B 336 -22.65 -1.47 33.87
CA ALA B 336 -23.59 -2.47 33.37
C ALA B 336 -23.02 -3.30 32.24
N ALA B 337 -22.12 -2.75 31.42
CA ALA B 337 -21.59 -3.57 30.33
C ALA B 337 -20.39 -4.41 30.72
N GLY B 338 -19.86 -4.24 31.93
CA GLY B 338 -18.76 -5.11 32.35
C GLY B 338 -17.45 -4.76 31.71
N THR B 339 -17.19 -3.46 31.51
CA THR B 339 -16.01 -3.09 30.75
C THR B 339 -15.28 -1.89 31.33
N PRO B 340 -13.96 -1.87 31.14
CA PRO B 340 -13.18 -0.69 31.50
C PRO B 340 -13.30 0.47 30.53
N GLN B 341 -13.92 0.28 29.36
CA GLN B 341 -14.09 1.40 28.43
C GLN B 341 -14.86 2.51 29.11
N HIS B 342 -14.55 3.75 28.75
CA HIS B 342 -15.22 4.92 29.30
C HIS B 342 -16.55 5.17 28.60
N ALA B 343 -17.49 5.82 29.29
CA ALA B 343 -18.79 6.12 28.70
C ALA B 343 -18.62 6.93 27.43
N GLY B 344 -19.46 6.70 26.44
CA GLY B 344 -19.32 7.47 25.20
C GLY B 344 -18.56 6.64 24.18
N THR B 345 -17.99 5.51 24.59
CA THR B 345 -17.22 4.68 23.67
C THR B 345 -18.10 4.21 22.50
N LEU B 346 -17.54 4.21 21.31
CA LEU B 346 -18.16 3.70 20.09
C LEU B 346 -17.65 2.31 19.80
N GLN B 347 -18.51 1.37 19.40
CA GLN B 347 -17.96 0.03 19.17
C GLN B 347 -18.85 -0.75 18.21
N TRP B 348 -18.25 -1.51 17.31
CA TRP B 348 -18.98 -2.48 16.50
C TRP B 348 -18.00 -3.50 15.95
N GLY B 349 -18.41 -4.34 15.03
CA GLY B 349 -17.57 -5.42 14.54
C GLY B 349 -17.97 -5.95 13.19
N GLY B 350 -17.56 -7.19 12.90
CA GLY B 350 -17.84 -7.79 11.60
C GLY B 350 -17.70 -9.31 11.68
N VAL B 351 -18.58 -10.02 10.99
CA VAL B 351 -18.65 -11.47 11.18
C VAL B 351 -17.49 -12.19 10.53
N TYR B 352 -16.68 -11.51 9.72
CA TYR B 352 -15.48 -12.24 9.24
C TYR B 352 -14.46 -12.39 10.36
N GLY B 353 -14.69 -11.77 11.52
CA GLY B 353 -13.78 -11.88 12.64
C GLY B 353 -13.12 -10.54 12.98
N HIS B 354 -13.87 -9.45 13.01
CA HIS B 354 -13.29 -8.16 13.37
C HIS B 354 -14.01 -7.48 14.51
N SER B 355 -13.29 -6.60 15.19
CA SER B 355 -13.81 -5.79 16.27
C SER B 355 -13.11 -4.44 16.29
N TRP B 356 -13.77 -3.35 16.62
CA TRP B 356 -13.15 -2.04 16.78
C TRP B 356 -13.89 -1.23 17.84
N PHE B 357 -13.16 -0.30 18.48
CA PHE B 357 -13.83 0.70 19.31
C PHE B 357 -13.04 1.99 19.34
N VAL B 358 -13.77 3.07 19.57
CA VAL B 358 -13.15 4.36 19.81
C VAL B 358 -13.48 4.82 21.23
N ASP B 359 -12.51 4.87 22.15
CA ASP B 359 -12.82 5.40 23.49
C ASP B 359 -12.62 6.91 23.46
N ARG B 360 -13.70 7.64 23.23
CA ARG B 360 -13.57 9.06 22.93
C ARG B 360 -12.87 9.81 24.05
N ALA B 361 -13.21 9.46 25.31
CA ALA B 361 -12.58 10.17 26.42
C ALA B 361 -11.06 9.99 26.43
N LEU B 362 -10.54 8.85 26.01
CA LEU B 362 -9.09 8.59 26.04
C LEU B 362 -8.39 8.91 24.73
N GLY B 363 -9.15 9.37 23.74
CA GLY B 363 -8.58 9.63 22.43
C GLY B 363 -8.15 8.35 21.73
N LEU B 364 -8.72 7.23 22.15
CA LEU B 364 -8.31 5.89 21.76
C LEU B 364 -9.08 5.29 20.60
N SER B 365 -8.37 4.90 19.54
CA SER B 365 -8.96 4.09 18.47
C SER B 365 -8.28 2.72 18.53
N VAL B 366 -9.01 1.63 18.65
CA VAL B 366 -8.47 0.28 18.73
C VAL B 366 -9.09 -0.56 17.63
N LEU B 367 -8.30 -1.19 16.77
CA LEU B 367 -8.83 -1.93 15.63
C LEU B 367 -8.23 -3.33 15.56
N LEU B 368 -9.06 -4.34 15.37
CA LEU B 368 -8.61 -5.71 15.22
C LEU B 368 -9.24 -6.26 13.96
N LEU B 369 -8.49 -6.58 12.92
CA LEU B 369 -9.01 -7.28 11.74
C LEU B 369 -8.39 -8.68 11.73
N THR B 370 -9.17 -9.74 11.52
CA THR B 370 -8.66 -11.11 11.53
C THR B 370 -9.29 -11.94 10.41
N ASN B 371 -8.77 -13.15 10.21
CA ASN B 371 -9.30 -14.10 9.24
C ASN B 371 -9.90 -15.31 9.97
N THR B 372 -10.33 -15.11 11.21
CA THR B 372 -10.92 -16.20 11.99
C THR B 372 -12.26 -15.77 12.58
N ALA B 373 -13.33 -16.23 11.93
CA ALA B 373 -14.70 -16.12 12.36
C ALA B 373 -15.12 -17.30 13.24
N TYR B 374 -15.59 -17.06 14.46
CA TYR B 374 -15.87 -15.75 15.01
C TYR B 374 -14.93 -15.25 16.10
N GLU B 375 -13.77 -15.87 16.29
CA GLU B 375 -12.93 -15.49 17.43
C GLU B 375 -12.58 -14.00 17.45
N GLY B 376 -12.32 -13.42 16.27
CA GLY B 376 -11.90 -12.03 16.22
C GLY B 376 -13.05 -11.05 16.28
N MET B 377 -14.28 -11.55 16.24
CA MET B 377 -15.45 -10.69 16.39
C MET B 377 -15.93 -10.67 17.83
N SER B 378 -16.10 -11.86 18.41
CA SER B 378 -16.73 -11.91 19.73
C SER B 378 -16.03 -12.85 20.68
N GLY B 379 -15.02 -13.60 20.25
CA GLY B 379 -14.38 -14.56 21.13
C GLY B 379 -13.48 -13.97 22.20
N PRO B 380 -13.00 -14.84 23.08
CA PRO B 380 -12.06 -14.47 24.14
C PRO B 380 -10.91 -13.59 23.66
N LEU B 381 -10.41 -13.76 22.44
CA LEU B 381 -9.39 -12.87 21.89
C LEU B 381 -9.73 -11.40 22.12
N THR B 382 -10.99 -11.06 21.85
CA THR B 382 -11.44 -9.67 21.88
C THR B 382 -11.47 -9.12 23.30
N ILE B 383 -11.93 -9.90 24.27
CA ILE B 383 -11.89 -9.44 25.66
C ILE B 383 -10.48 -9.34 26.20
N ALA B 384 -9.66 -10.34 25.89
CA ALA B 384 -8.26 -10.32 26.32
C ALA B 384 -7.52 -9.11 25.77
N LEU B 385 -7.71 -8.81 24.48
CA LEU B 385 -6.98 -7.65 23.94
C LEU B 385 -7.51 -6.36 24.55
N ARG B 386 -8.82 -6.26 24.76
CA ARG B 386 -9.37 -5.01 25.32
C ARG B 386 -8.81 -4.77 26.73
N ASP B 387 -8.82 -5.84 27.51
CA ASP B 387 -8.27 -5.79 28.86
C ASP B 387 -6.80 -5.42 28.83
N ALA B 388 -6.05 -6.00 27.89
CA ALA B 388 -4.63 -5.63 27.82
C ALA B 388 -4.46 -4.13 27.59
N VAL B 389 -5.31 -3.54 26.76
CA VAL B 389 -5.18 -2.12 26.46
C VAL B 389 -5.42 -1.28 27.70
N TYR B 390 -6.28 -1.74 28.60
CA TYR B 390 -6.55 -0.86 29.73
C TYR B 390 -5.80 -1.30 30.99
N ALA B 391 -4.93 -2.29 30.93
CA ALA B 391 -4.29 -2.72 32.19
C ALA B 391 -3.14 -1.78 32.55
C1 DFP C . 22.75 10.00 -11.08
C2 DFP C . 23.35 11.38 -10.75
C3 DFP C . 21.36 10.18 -11.70
C1' DFP C . 24.35 6.51 -8.74
C2' DFP C . 25.52 7.48 -8.49
C3' DFP C . 24.54 5.27 -7.86
P DFP C . 22.05 7.88 -9.34
O1P DFP C . 22.67 9.22 -9.89
O2P DFP C . 23.11 7.15 -8.42
O3P DFP C . 20.90 8.21 -8.32
C1 DFP D . -23.17 -9.16 8.50
C2 DFP D . -24.29 -8.40 7.79
C3 DFP D . -23.47 -10.67 8.47
C1' DFP D . -22.06 -8.61 12.94
C2' DFP D . -21.81 -7.99 14.32
C3' DFP D . -23.49 -9.19 12.90
P DFP D . -21.81 -7.87 10.35
O1P DFP D . -23.09 -8.72 9.87
O2P DFP D . -21.90 -7.63 11.92
O3P DFP D . -20.48 -8.50 9.91
#